data_6Y54
#
_entry.id   6Y54
#
_cell.length_a   52.609
_cell.length_b   153.205
_cell.length_c   101.051
_cell.angle_alpha   90.000
_cell.angle_beta   91.527
_cell.angle_gamma   90.000
#
_symmetry.space_group_name_H-M   'P 1 21 1'
#
loop_
_entity.id
_entity.type
_entity.pdbx_description
1 polymer 'Fab A1.1 H chain'
2 polymer 'Fab A1.1 L chain'
3 non-polymer 'IODIDE ION'
4 non-polymer 1,2-ETHANEDIOL
5 non-polymer '{[(2R,3S,4R,5S,6R)-5-acetamido-3-hydroxy-4-(2-oxopropyl)-6-(phosphonooxy)oxan-2-yl]methoxy}phosphonic acid'
6 non-polymer '{[(2R,3S,4R,5S,6S)-3-(acetyloxy)-5-acetamido-4,6-dihydroxyoxan-2-yl]methoxy}phosphonic acid'
7 non-polymer '{[(2R,3S,4R,5S,6S)-5-acetamido-3,6-dihydroxy-4-(2-oxopropyl)oxan-2-yl]methoxy}phosphonic acid'
8 water water
#
loop_
_entity_poly.entity_id
_entity_poly.type
_entity_poly.pdbx_seq_one_letter_code
_entity_poly.pdbx_strand_id
1 'polypeptide(L)'
;QVQLQQPGSELVRPGASVKLSCKASGYTFTNYWMHWVKQRPGQGLEWIGNIYPGSGTTNYNEKFKRKATLTVDTSSNTAY
MELSSLTSEDSAVYFCTVVRMDYWGQGTSVTVSSAKTTAPSVYPLAPVCGDTTGSSVTLGCLVKGYFPEPVTLTWNSGSL
SSGVHTFPAVLQSDLYTLSSSVTVTSSTWPSQSITCNVAHPASSTKVDKKIEPRGPTIKPHHHHHH
;
H,M,O
2 'polypeptide(L)'
;DVVMTQTPLSLPVSLGDQASISCRSSQSLIYSNGNTYLHWYLQKPGQSPKLLIYKVSNRFSGVPDRFSGSGSGTDFTLKI
SRVEAEDLGVYFCSQNTHIPYTFGGGTKLEIKRADAAPTVSIFPPSSEQLTSGGASVVCFLNNFYPKDINVKWKIDGSER
QNGVLNSWTDQDSKDSTYSMSSTLTLTKDEYERHNSYTCEATHKTSTSPIVKSFNRNEC
;
L,N,P
#
loop_
_chem_comp.id
_chem_comp.type
_chem_comp.name
_chem_comp.formula
EDO non-polymer 1,2-ETHANEDIOL 'C2 H6 O2'
IOD non-polymer 'IODIDE ION' 'I -1'
OA8 non-polymer '{[(2R,3S,4R,5S,6S)-3-(acetyloxy)-5-acetamido-4,6-dihydroxyoxan-2-yl]methoxy}phosphonic acid' 'C10 H18 N O10 P'
OAB non-polymer '{[(2R,3S,4R,5S,6S)-5-acetamido-3,6-dihydroxy-4-(2-oxopropyl)oxan-2-yl]methoxy}phosphonic acid' 'C10 H18 N O10 P'
OOW non-polymer '{[(2R,3S,4R,5S,6R)-5-acetamido-3-hydroxy-4-(2-oxopropyl)-6-(phosphonooxy)oxan-2-yl]methoxy}phosphonic acid' 'C10 H19 N O13 P2'
#
# COMPACT_ATOMS: atom_id res chain seq x y z
N GLN A 1 7.06 -6.00 8.72
CA GLN A 1 6.75 -5.67 7.34
C GLN A 1 7.99 -5.10 6.61
N VAL A 2 9.04 -4.77 7.36
CA VAL A 2 10.33 -4.44 6.73
C VAL A 2 11.47 -5.06 7.54
N GLN A 3 12.02 -6.17 7.01
CA GLN A 3 13.13 -6.87 7.63
C GLN A 3 14.49 -6.39 7.17
N LEU A 4 14.55 -5.61 6.09
CA LEU A 4 15.81 -5.18 5.51
C LEU A 4 15.85 -3.66 5.56
N GLN A 5 16.89 -3.12 6.20
CA GLN A 5 17.07 -1.68 6.32
C GLN A 5 18.07 -1.22 5.26
N GLN A 6 17.66 -0.25 4.45
CA GLN A 6 18.51 0.31 3.43
C GLN A 6 18.50 1.82 3.60
N PRO A 7 19.61 2.50 3.34
CA PRO A 7 19.58 3.97 3.33
C PRO A 7 18.61 4.46 2.27
N GLY A 8 18.08 5.65 2.53
CA GLY A 8 16.97 6.16 1.72
C GLY A 8 17.40 6.71 0.39
N SER A 9 18.41 7.58 0.39
CA SER A 9 19.00 8.06 -0.85
C SER A 9 20.52 7.98 -0.72
N GLU A 10 21.21 8.32 -1.81
CA GLU A 10 22.66 8.49 -1.81
C GLU A 10 23.05 9.24 -3.08
N LEU A 11 23.80 10.33 -2.93
CA LEU A 11 24.34 11.09 -4.04
C LEU A 11 25.78 10.69 -4.29
N VAL A 12 26.14 10.51 -5.57
CA VAL A 12 27.49 10.07 -5.94
C VAL A 12 27.87 10.73 -7.25
N ARG A 13 29.16 10.75 -7.52
CA ARG A 13 29.73 11.49 -8.65
C ARG A 13 29.97 10.55 -9.85
N PRO A 14 29.80 11.04 -11.08
CA PRO A 14 30.11 10.20 -12.25
C PRO A 14 31.55 9.71 -12.15
N GLY A 15 31.77 8.45 -12.55
CA GLY A 15 33.08 7.84 -12.49
C GLY A 15 33.49 7.33 -11.14
N ALA A 16 32.83 7.75 -10.06
CA ALA A 16 33.11 7.19 -8.74
C ALA A 16 32.42 5.84 -8.58
N SER A 17 32.55 5.26 -7.39
CA SER A 17 31.86 4.06 -6.97
C SER A 17 30.97 4.41 -5.79
N VAL A 18 30.06 3.50 -5.47
CA VAL A 18 29.30 3.58 -4.22
C VAL A 18 29.01 2.15 -3.76
N LYS A 19 29.03 1.95 -2.44
CA LYS A 19 28.70 0.67 -1.82
C LYS A 19 27.37 0.83 -1.08
N LEU A 20 26.35 0.09 -1.53
CA LEU A 20 25.04 0.16 -0.88
C LEU A 20 24.91 -0.97 0.13
N SER A 21 24.27 -0.68 1.25
CA SER A 21 24.15 -1.60 2.36
C SER A 21 22.72 -2.12 2.48
N CYS A 22 22.61 -3.33 3.00
CA CYS A 22 21.32 -3.98 3.21
C CYS A 22 21.48 -4.79 4.49
N LYS A 23 20.80 -4.34 5.54
CA LYS A 23 21.02 -4.83 6.90
C LYS A 23 19.88 -5.78 7.21
N ALA A 24 20.18 -7.08 7.17
CA ALA A 24 19.25 -8.12 7.57
C ALA A 24 19.11 -8.13 9.09
N SER A 25 18.00 -8.66 9.55
CA SER A 25 17.69 -8.63 10.98
C SER A 25 16.41 -9.42 11.20
N GLY A 26 16.25 -9.94 12.40
CA GLY A 26 15.05 -10.69 12.73
C GLY A 26 14.90 -12.02 12.03
N TYR A 27 15.97 -12.55 11.43
CA TYR A 27 15.94 -13.89 10.84
C TYR A 27 17.39 -14.31 10.62
N THR A 28 17.56 -15.55 10.19
CA THR A 28 18.86 -16.20 10.00
C THR A 28 19.46 -15.79 8.66
N PHE A 29 20.25 -14.71 8.69
CA PHE A 29 20.85 -14.15 7.49
C PHE A 29 21.56 -15.19 6.61
N THR A 30 22.12 -16.24 7.22
CA THR A 30 22.92 -17.22 6.48
C THR A 30 22.07 -18.28 5.77
N ASN A 31 20.75 -18.27 5.94
CA ASN A 31 19.89 -19.33 5.45
C ASN A 31 19.30 -19.08 4.06
N TYR A 32 19.33 -17.85 3.56
CA TYR A 32 18.65 -17.53 2.33
C TYR A 32 19.52 -16.68 1.42
N TRP A 33 19.44 -16.96 0.11
CA TRP A 33 19.98 -16.07 -0.91
C TRP A 33 19.50 -14.65 -0.67
N MET A 34 20.35 -13.69 -0.99
CA MET A 34 19.97 -12.29 -1.05
C MET A 34 20.06 -11.85 -2.51
N HIS A 35 19.05 -11.11 -2.97
CA HIS A 35 18.96 -10.67 -4.35
C HIS A 35 19.01 -9.15 -4.43
N TRP A 36 19.35 -8.65 -5.60
CA TRP A 36 19.38 -7.22 -5.83
C TRP A 36 18.61 -6.88 -7.10
N VAL A 37 17.69 -5.90 -7.00
CA VAL A 37 16.87 -5.53 -8.12
C VAL A 37 16.98 -4.03 -8.34
N LYS A 38 17.07 -3.62 -9.59
CA LYS A 38 17.14 -2.20 -9.93
C LYS A 38 15.84 -1.76 -10.60
N GLN A 39 15.40 -0.54 -10.29
CA GLN A 39 14.21 0.03 -10.88
C GLN A 39 14.53 1.47 -11.25
N ARG A 40 14.54 1.78 -12.56
CA ARG A 40 14.63 3.18 -12.96
C ARG A 40 13.25 3.82 -12.91
N PRO A 41 13.14 5.08 -12.49
CA PRO A 41 11.86 5.79 -12.60
C PRO A 41 11.30 5.67 -14.01
N GLY A 42 10.01 5.42 -14.10
CA GLY A 42 9.46 4.75 -15.26
C GLY A 42 9.47 3.26 -15.09
N GLN A 43 9.44 2.79 -13.83
CA GLN A 43 9.42 1.39 -13.45
C GLN A 43 10.38 0.53 -14.25
N GLY A 44 10.01 -0.73 -14.48
CA GLY A 44 10.91 -1.70 -15.05
C GLY A 44 11.79 -2.29 -13.96
N LEU A 45 11.69 -3.59 -13.73
CA LEU A 45 12.51 -4.26 -12.74
C LEU A 45 13.57 -5.06 -13.48
N GLU A 46 14.83 -4.79 -13.16
CA GLU A 46 15.97 -5.58 -13.63
C GLU A 46 16.57 -6.32 -12.44
N TRP A 47 16.74 -7.63 -12.58
CA TRP A 47 17.48 -8.40 -11.59
C TRP A 47 19.00 -8.26 -11.81
N ILE A 48 19.72 -7.77 -10.79
CA ILE A 48 21.16 -7.56 -10.88
C ILE A 48 21.92 -8.85 -10.61
N GLY A 49 21.60 -9.49 -9.50
CA GLY A 49 22.20 -10.77 -9.17
C GLY A 49 21.78 -11.19 -7.77
N ASN A 50 22.42 -12.24 -7.28
CA ASN A 50 22.19 -12.69 -5.92
C ASN A 50 23.52 -13.13 -5.31
N ILE A 51 23.49 -13.54 -4.04
CA ILE A 51 24.64 -14.07 -3.33
C ILE A 51 24.10 -14.90 -2.18
N TYR A 52 24.91 -15.85 -1.71
CA TYR A 52 24.45 -16.74 -0.64
C TYR A 52 25.29 -16.45 0.59
N PRO A 53 24.77 -15.71 1.58
CA PRO A 53 25.64 -15.24 2.68
C PRO A 53 26.37 -16.36 3.39
N GLY A 54 25.83 -17.57 3.40
CA GLY A 54 26.53 -18.67 4.05
C GLY A 54 27.88 -19.01 3.41
N SER A 55 27.93 -19.02 2.08
CA SER A 55 29.16 -19.42 1.40
C SER A 55 29.84 -18.29 0.65
N GLY A 56 29.09 -17.29 0.21
CA GLY A 56 29.63 -16.25 -0.64
C GLY A 56 29.42 -16.46 -2.12
N THR A 57 28.88 -17.61 -2.54
CA THR A 57 28.68 -17.84 -3.96
C THR A 57 27.77 -16.76 -4.56
N THR A 58 28.14 -16.25 -5.73
CA THR A 58 27.34 -15.23 -6.40
C THR A 58 26.90 -15.68 -7.79
N ASN A 59 25.76 -15.16 -8.21
CA ASN A 59 25.36 -15.18 -9.61
C ASN A 59 25.13 -13.74 -10.05
N TYR A 60 25.62 -13.38 -11.22
CA TYR A 60 25.41 -12.05 -11.77
C TYR A 60 24.71 -12.13 -13.12
N ASN A 61 23.94 -11.08 -13.41
CA ASN A 61 23.29 -10.89 -14.71
C ASN A 61 24.34 -10.31 -15.66
N GLU A 62 24.53 -10.96 -16.82
CA GLU A 62 25.57 -10.53 -17.76
C GLU A 62 25.51 -9.02 -18.04
N LYS A 63 24.34 -8.41 -17.91
CA LYS A 63 24.23 -6.97 -18.14
C LYS A 63 24.94 -6.17 -17.05
N PHE A 64 25.20 -6.77 -15.89
CA PHE A 64 25.72 -6.09 -14.71
C PHE A 64 27.04 -6.67 -14.16
N LYS A 65 27.65 -7.67 -14.81
CA LYS A 65 28.92 -8.22 -14.36
C LYS A 65 29.97 -7.12 -14.25
N ARG A 66 30.11 -6.33 -15.29
CA ARG A 66 31.06 -5.23 -15.36
C ARG A 66 30.69 -4.10 -14.54
N LYS A 67 29.66 -4.13 -13.68
CA LYS A 67 29.22 -2.91 -13.03
C LYS A 67 29.04 -3.09 -11.52
N ALA A 68 28.65 -4.29 -11.10
CA ALA A 68 28.22 -4.57 -9.73
C ALA A 68 29.13 -5.59 -9.06
N THR A 69 29.20 -5.53 -7.73
CA THR A 69 29.91 -6.55 -6.96
C THR A 69 29.15 -6.78 -5.67
N LEU A 70 28.73 -8.03 -5.45
CA LEU A 70 27.91 -8.41 -4.31
C LEU A 70 28.76 -9.06 -3.22
N THR A 71 28.58 -8.65 -1.98
CA THR A 71 29.36 -9.16 -0.86
C THR A 71 28.48 -9.23 0.38
N VAL A 72 28.94 -10.01 1.38
CA VAL A 72 28.30 -10.12 2.68
C VAL A 72 29.30 -9.85 3.78
N ASP A 73 28.77 -9.63 4.97
CA ASP A 73 29.53 -9.70 6.23
C ASP A 73 28.66 -10.44 7.24
N THR A 74 28.94 -11.74 7.43
CA THR A 74 28.04 -12.57 8.23
C THR A 74 28.13 -12.28 9.73
N SER A 75 29.08 -11.47 10.15
CA SER A 75 29.13 -11.06 11.55
C SER A 75 28.07 -10.00 11.80
N SER A 76 28.09 -8.95 11.00
CA SER A 76 27.15 -7.84 11.13
C SER A 76 25.82 -8.09 10.41
N ASN A 77 25.63 -9.25 9.76
CA ASN A 77 24.38 -9.57 9.08
C ASN A 77 24.02 -8.52 8.04
N THR A 78 24.99 -8.17 7.21
CA THR A 78 24.84 -7.09 6.25
C THR A 78 25.20 -7.60 4.88
N ALA A 79 24.52 -7.05 3.88
CA ALA A 79 24.81 -7.39 2.50
C ALA A 79 25.18 -6.10 1.77
N TYR A 80 26.07 -6.24 0.79
CA TYR A 80 26.57 -5.09 0.07
C TYR A 80 26.50 -5.34 -1.42
N MET A 81 26.11 -4.29 -2.15
CA MET A 81 26.29 -4.20 -3.57
C MET A 81 27.17 -2.99 -3.84
N GLU A 82 28.24 -3.17 -4.60
CA GLU A 82 29.06 -2.03 -4.97
C GLU A 82 28.95 -1.80 -6.47
N LEU A 83 28.40 -0.63 -6.81
CA LEU A 83 28.30 -0.15 -8.18
C LEU A 83 29.48 0.78 -8.45
N SER A 84 30.26 0.48 -9.46
CA SER A 84 31.45 1.24 -9.78
C SER A 84 31.40 1.75 -11.21
N SER A 85 32.28 2.71 -11.50
CA SER A 85 32.32 3.45 -12.77
C SER A 85 30.92 3.96 -13.11
N LEU A 86 30.43 4.87 -12.27
CA LEU A 86 29.04 5.29 -12.36
C LEU A 86 28.84 6.30 -13.48
N THR A 87 27.82 6.08 -14.29
CA THR A 87 27.30 7.03 -15.24
C THR A 87 25.88 7.41 -14.81
N SER A 88 25.18 8.20 -15.61
CA SER A 88 23.84 8.57 -15.19
C SER A 88 22.81 7.49 -15.49
N GLU A 89 23.14 6.47 -16.30
CA GLU A 89 22.24 5.33 -16.43
C GLU A 89 22.16 4.49 -15.17
N ASP A 90 23.06 4.71 -14.21
CA ASP A 90 23.00 4.05 -12.91
C ASP A 90 22.17 4.81 -11.87
N SER A 91 21.70 6.04 -12.15
CA SER A 91 20.68 6.64 -11.29
C SER A 91 19.40 5.81 -11.33
N ALA A 92 18.98 5.28 -10.19
CA ALA A 92 17.84 4.35 -10.09
C ALA A 92 17.56 4.08 -8.62
N VAL A 93 16.52 3.30 -8.36
CA VAL A 93 16.26 2.78 -7.03
C VAL A 93 16.83 1.36 -6.99
N TYR A 94 17.51 1.02 -5.90
CA TYR A 94 18.14 -0.28 -5.78
C TYR A 94 17.61 -1.04 -4.58
N PHE A 95 17.08 -2.23 -4.83
CA PHE A 95 16.39 -3.02 -3.82
C PHE A 95 17.25 -4.21 -3.47
N CYS A 96 17.22 -4.61 -2.20
CA CYS A 96 17.63 -5.94 -1.80
C CYS A 96 16.42 -6.72 -1.35
N THR A 97 16.41 -8.01 -1.65
CA THR A 97 15.24 -8.82 -1.35
C THR A 97 15.64 -10.27 -1.14
N VAL A 98 14.96 -10.94 -0.23
CA VAL A 98 15.01 -12.40 -0.09
C VAL A 98 13.79 -12.95 -0.81
N VAL A 99 13.98 -13.45 -2.03
CA VAL A 99 12.86 -13.89 -2.85
C VAL A 99 12.04 -14.96 -2.12
N ARG A 100 12.74 -16.00 -1.66
CA ARG A 100 12.08 -17.16 -1.05
C ARG A 100 11.12 -16.79 0.08
N MET A 101 11.38 -15.68 0.76
CA MET A 101 10.59 -15.24 1.91
C MET A 101 9.82 -13.95 1.65
N ASP A 102 10.01 -13.33 0.48
CA ASP A 102 9.48 -12.02 0.17
C ASP A 102 9.85 -10.99 1.24
N TYR A 103 11.12 -10.97 1.62
CA TYR A 103 11.68 -9.86 2.39
C TYR A 103 12.21 -8.82 1.41
N TRP A 104 11.73 -7.56 1.54
CA TRP A 104 12.28 -6.45 0.77
C TRP A 104 12.68 -5.33 1.70
N GLY A 105 13.69 -4.55 1.28
CA GLY A 105 14.02 -3.29 1.90
C GLY A 105 13.37 -2.19 1.10
N GLN A 106 13.48 -0.97 1.63
CA GLN A 106 12.74 0.13 1.03
C GLN A 106 13.33 0.59 -0.30
N GLY A 107 14.53 0.15 -0.65
CA GLY A 107 15.20 0.69 -1.82
C GLY A 107 15.99 1.96 -1.55
N THR A 108 17.09 2.15 -2.24
CA THR A 108 17.90 3.36 -2.10
C THR A 108 17.90 4.07 -3.45
N SER A 109 17.58 5.36 -3.44
CA SER A 109 17.57 6.17 -4.65
C SER A 109 18.98 6.71 -4.83
N VAL A 110 19.68 6.21 -5.85
CA VAL A 110 21.04 6.60 -6.14
C VAL A 110 21.02 7.67 -7.23
N THR A 111 21.45 8.87 -6.89
CA THR A 111 21.59 9.94 -7.88
C THR A 111 23.06 10.04 -8.25
N VAL A 112 23.35 10.00 -9.55
CA VAL A 112 24.72 10.15 -10.07
C VAL A 112 24.76 11.50 -10.76
N SER A 113 25.53 12.43 -10.20
CA SER A 113 25.59 13.78 -10.74
C SER A 113 26.78 14.54 -10.18
N SER A 114 27.25 15.50 -10.95
CA SER A 114 28.32 16.39 -10.54
C SER A 114 27.82 17.59 -9.74
N ALA A 115 26.50 17.85 -9.73
CA ALA A 115 25.98 19.05 -9.09
C ALA A 115 26.40 19.10 -7.63
N LYS A 116 26.64 20.32 -7.14
CA LYS A 116 26.90 20.48 -5.72
C LYS A 116 25.57 20.56 -4.98
N THR A 117 25.55 20.07 -3.74
CA THR A 117 24.31 20.17 -3.00
C THR A 117 23.94 21.64 -2.80
N THR A 118 22.69 21.97 -3.11
CA THR A 118 22.19 23.34 -3.14
C THR A 118 20.92 23.44 -2.31
N ALA A 119 20.79 24.53 -1.56
CA ALA A 119 19.68 24.70 -0.63
C ALA A 119 18.44 25.28 -1.33
N PRO A 120 17.24 24.85 -0.94
CA PRO A 120 16.04 25.35 -1.62
C PRO A 120 15.75 26.80 -1.26
N SER A 121 14.90 27.38 -2.07
CA SER A 121 14.21 28.62 -1.74
C SER A 121 12.75 28.25 -1.56
N VAL A 122 12.15 28.67 -0.45
CA VAL A 122 10.77 28.34 -0.16
C VAL A 122 9.94 29.61 -0.25
N TYR A 123 8.96 29.61 -1.17
CA TYR A 123 8.12 30.80 -1.36
C TYR A 123 6.68 30.53 -0.96
N PRO A 124 6.07 31.36 -0.11
CA PRO A 124 4.64 31.21 0.19
C PRO A 124 3.80 31.53 -1.03
N LEU A 125 2.70 30.80 -1.17
CA LEU A 125 1.80 30.98 -2.31
C LEU A 125 0.38 31.27 -1.82
N ALA A 126 0.09 32.55 -1.59
CA ALA A 126 -1.22 32.98 -1.16
C ALA A 126 -2.14 33.17 -2.37
N PRO A 127 -3.45 33.10 -2.16
CA PRO A 127 -4.38 33.30 -3.28
C PRO A 127 -4.38 34.72 -3.81
N VAL A 128 -4.93 34.85 -5.01
CA VAL A 128 -4.98 36.11 -5.76
C VAL A 128 -5.72 37.21 -5.00
N CYS A 129 -5.33 38.45 -5.26
CA CYS A 129 -5.93 39.61 -4.59
C CYS A 129 -7.26 39.99 -5.25
N GLY A 134 -14.80 30.51 -4.00
CA GLY A 134 -15.29 31.38 -2.94
C GLY A 134 -15.81 30.67 -1.71
N SER A 135 -15.89 29.34 -1.77
CA SER A 135 -16.34 28.49 -0.68
C SER A 135 -15.23 27.70 0.00
N SER A 136 -14.33 27.10 -0.77
CA SER A 136 -13.05 26.59 -0.27
C SER A 136 -11.94 27.48 -0.79
N VAL A 137 -10.76 27.36 -0.19
CA VAL A 137 -9.61 28.15 -0.62
C VAL A 137 -8.37 27.26 -0.73
N THR A 138 -7.54 27.53 -1.71
CA THR A 138 -6.37 26.73 -2.00
C THR A 138 -5.11 27.56 -1.78
N LEU A 139 -4.13 26.98 -1.09
CA LEU A 139 -2.84 27.63 -0.89
C LEU A 139 -1.73 26.74 -1.45
N GLY A 140 -0.58 27.36 -1.73
CA GLY A 140 0.54 26.66 -2.31
C GLY A 140 1.86 26.89 -1.61
N CYS A 141 2.80 26.01 -1.90
CA CYS A 141 4.17 26.19 -1.45
C CYS A 141 5.05 25.94 -2.64
N LEU A 142 5.96 26.86 -2.91
CA LEU A 142 6.93 26.67 -3.98
C LEU A 142 8.29 26.47 -3.34
N VAL A 143 8.90 25.32 -3.63
CA VAL A 143 10.23 24.96 -3.17
C VAL A 143 11.10 24.79 -4.41
N LYS A 144 12.16 25.60 -4.50
CA LYS A 144 12.79 25.80 -5.79
C LYS A 144 14.30 25.76 -5.68
N GLY A 145 14.93 25.18 -6.68
CA GLY A 145 16.37 25.25 -6.84
C GLY A 145 17.16 24.53 -5.78
N TYR A 146 16.81 23.30 -5.46
CA TYR A 146 17.58 22.55 -4.49
C TYR A 146 18.20 21.32 -5.14
N PHE A 147 19.17 20.72 -4.42
CA PHE A 147 19.82 19.49 -4.88
C PHE A 147 20.57 18.73 -3.77
N PRO A 148 20.50 17.39 -3.78
CA PRO A 148 19.68 16.55 -4.65
C PRO A 148 18.35 16.37 -3.98
N GLU A 149 17.63 15.32 -4.34
CA GLU A 149 16.45 14.94 -3.58
C GLU A 149 16.94 14.13 -2.39
N PRO A 150 16.11 14.00 -1.35
CA PRO A 150 14.71 14.44 -1.22
C PRO A 150 14.54 15.74 -0.46
N VAL A 151 13.41 16.42 -0.65
CA VAL A 151 12.89 17.42 0.27
C VAL A 151 11.65 16.84 0.94
N THR A 152 11.45 17.16 2.22
CA THR A 152 10.28 16.70 2.94
C THR A 152 9.43 17.91 3.30
N LEU A 153 8.17 17.89 2.86
CA LEU A 153 7.28 19.05 2.89
C LEU A 153 6.00 18.62 3.59
N THR A 154 5.80 19.11 4.80
CA THR A 154 4.53 18.93 5.49
C THR A 154 3.79 20.26 5.56
N TRP A 155 2.52 20.17 5.96
CA TRP A 155 1.61 21.31 6.13
C TRP A 155 1.08 21.28 7.55
N ASN A 156 1.34 22.35 8.30
CA ASN A 156 0.98 22.42 9.72
C ASN A 156 1.49 21.19 10.46
N SER A 157 2.74 20.83 10.20
CA SER A 157 3.33 19.65 10.83
C SER A 157 2.46 18.42 10.56
N GLY A 158 1.89 18.35 9.36
CA GLY A 158 1.20 17.16 8.88
C GLY A 158 -0.22 17.00 9.35
N SER A 159 -0.84 18.05 9.89
CA SER A 159 -2.18 17.93 10.44
C SER A 159 -3.27 18.33 9.43
N LEU A 160 -2.91 18.57 8.17
CA LEU A 160 -3.90 18.75 7.12
C LEU A 160 -3.63 17.75 5.99
N SER A 161 -3.32 16.51 6.36
CA SER A 161 -3.01 15.47 5.37
C SER A 161 -4.07 15.42 4.29
N SER A 162 -5.34 15.25 4.68
CA SER A 162 -6.44 15.39 3.75
C SER A 162 -6.46 16.79 3.19
N GLY A 163 -6.69 16.88 1.88
CA GLY A 163 -6.65 18.16 1.21
C GLY A 163 -5.29 18.63 0.77
N VAL A 164 -4.24 17.83 0.94
CA VAL A 164 -2.89 18.19 0.50
C VAL A 164 -2.55 17.39 -0.75
N HIS A 165 -1.96 18.06 -1.72
CA HIS A 165 -1.40 17.43 -2.92
C HIS A 165 0.05 17.90 -3.05
N THR A 166 1.01 17.01 -2.80
CA THR A 166 2.41 17.33 -3.07
C THR A 166 2.80 16.70 -4.41
N PHE A 167 3.41 17.50 -5.26
CA PHE A 167 3.70 16.95 -6.58
C PHE A 167 5.11 16.40 -6.65
N PRO A 168 5.31 15.33 -7.39
CA PRO A 168 6.67 14.79 -7.52
C PRO A 168 7.61 15.89 -7.96
N ALA A 169 8.83 15.88 -7.40
CA ALA A 169 9.79 16.90 -7.77
C ALA A 169 10.16 16.73 -9.23
N VAL A 170 10.51 17.82 -9.88
CA VAL A 170 10.87 17.80 -11.30
C VAL A 170 12.24 18.43 -11.48
N LEU A 171 13.14 17.68 -12.12
CA LEU A 171 14.54 18.10 -12.23
C LEU A 171 14.75 18.90 -13.51
N GLN A 172 15.68 19.85 -13.46
CA GLN A 172 16.05 20.58 -14.67
C GLN A 172 17.39 21.27 -14.42
N SER A 173 18.42 20.81 -15.14
CA SER A 173 19.79 21.32 -15.04
C SER A 173 20.30 21.24 -13.60
N ASP A 174 20.30 20.02 -13.07
CA ASP A 174 20.84 19.68 -11.76
C ASP A 174 20.11 20.37 -10.61
N LEU A 175 18.94 20.96 -10.87
CA LEU A 175 18.15 21.59 -9.81
C LEU A 175 16.73 21.04 -9.88
N TYR A 176 16.16 20.78 -8.71
CA TYR A 176 14.79 20.30 -8.59
C TYR A 176 13.88 21.44 -8.16
N THR A 177 12.62 21.38 -8.61
CA THR A 177 11.55 22.25 -8.14
C THR A 177 10.41 21.40 -7.59
N LEU A 178 9.75 21.95 -6.59
CA LEU A 178 8.76 21.22 -5.80
C LEU A 178 7.59 22.17 -5.47
N SER A 179 6.36 21.69 -5.66
CA SER A 179 5.20 22.48 -5.29
C SER A 179 4.20 21.61 -4.54
N SER A 180 3.49 22.21 -3.60
CA SER A 180 2.43 21.49 -2.91
C SER A 180 1.22 22.41 -2.72
N SER A 181 0.01 21.87 -2.94
CA SER A 181 -1.24 22.58 -2.68
C SER A 181 -1.95 21.97 -1.48
N VAL A 182 -2.64 22.83 -0.73
CA VAL A 182 -3.44 22.45 0.43
C VAL A 182 -4.78 23.15 0.30
N THR A 183 -5.87 22.42 0.43
CA THR A 183 -7.20 23.01 0.27
C THR A 183 -8.04 22.87 1.53
N VAL A 184 -8.44 24.00 2.08
CA VAL A 184 -9.25 24.04 3.29
C VAL A 184 -10.57 24.76 3.00
N THR A 185 -11.48 24.73 3.96
CA THR A 185 -12.67 25.54 3.81
C THR A 185 -12.34 26.99 4.08
N SER A 186 -13.18 27.89 3.59
CA SER A 186 -12.87 29.32 3.67
C SER A 186 -12.85 29.83 5.11
N SER A 187 -13.62 29.20 5.99
CA SER A 187 -13.65 29.65 7.38
C SER A 187 -12.38 29.29 8.15
N THR A 188 -11.45 28.60 7.52
CA THR A 188 -10.28 28.07 8.21
C THR A 188 -9.07 28.96 8.04
N TRP A 189 -9.01 29.73 6.95
CA TRP A 189 -7.89 30.62 6.67
C TRP A 189 -8.35 31.93 6.02
N PRO A 190 -7.74 33.06 6.41
CA PRO A 190 -6.64 33.11 7.39
C PRO A 190 -7.12 33.18 8.82
N SER A 191 -8.31 32.65 9.09
CA SER A 191 -8.78 32.50 10.46
C SER A 191 -7.68 31.85 11.29
N GLN A 192 -7.25 30.66 10.88
CA GLN A 192 -6.16 29.93 11.48
C GLN A 192 -4.95 29.95 10.55
N SER A 193 -3.75 29.94 11.14
CA SER A 193 -2.56 30.01 10.32
C SER A 193 -2.31 28.68 9.63
N ILE A 194 -1.76 28.76 8.42
CA ILE A 194 -1.36 27.57 7.68
C ILE A 194 0.09 27.77 7.27
N THR A 195 0.98 26.90 7.78
CA THR A 195 2.41 27.03 7.52
C THR A 195 2.90 25.84 6.74
N CYS A 196 3.67 26.11 5.70
CA CYS A 196 4.34 25.09 4.92
C CYS A 196 5.72 24.84 5.53
N ASN A 197 6.03 23.58 5.83
CA ASN A 197 7.28 23.20 6.46
C ASN A 197 8.15 22.41 5.48
N VAL A 198 9.41 22.82 5.34
CA VAL A 198 10.30 22.25 4.35
C VAL A 198 11.58 21.80 5.04
N ALA A 199 12.00 20.56 4.77
CA ALA A 199 13.30 20.06 5.23
C ALA A 199 14.06 19.49 4.04
N HIS A 200 15.34 19.83 3.96
CA HIS A 200 16.24 19.33 2.92
C HIS A 200 17.53 18.96 3.63
N PRO A 201 17.60 17.77 4.22
CA PRO A 201 18.77 17.43 5.05
C PRO A 201 20.11 17.55 4.33
N ALA A 202 20.17 17.27 3.02
CA ALA A 202 21.47 17.27 2.34
C ALA A 202 22.19 18.62 2.48
N SER A 203 21.45 19.70 2.63
CA SER A 203 21.98 21.04 2.86
C SER A 203 21.63 21.59 4.23
N SER A 204 21.10 20.75 5.12
CA SER A 204 20.77 21.17 6.49
CA SER A 204 20.73 21.14 6.49
C SER A 204 19.80 22.35 6.51
N THR A 205 18.85 22.36 5.57
CA THR A 205 17.87 23.44 5.52
C THR A 205 16.55 22.94 6.07
N LYS A 206 16.01 23.67 7.05
CA LYS A 206 14.77 23.27 7.71
C LYS A 206 14.02 24.55 8.07
N VAL A 207 13.00 24.89 7.27
CA VAL A 207 12.37 26.21 7.32
C VAL A 207 10.85 26.10 7.23
N ASP A 208 10.18 27.08 7.80
CA ASP A 208 8.72 27.16 7.77
C ASP A 208 8.32 28.44 7.06
N LYS A 209 7.22 28.40 6.32
CA LYS A 209 6.74 29.57 5.60
C LYS A 209 5.26 29.73 5.89
N LYS A 210 4.91 30.73 6.69
CA LYS A 210 3.52 30.99 7.00
C LYS A 210 2.86 31.65 5.80
N ILE A 211 1.81 31.05 5.28
CA ILE A 211 1.09 31.66 4.16
C ILE A 211 0.35 32.88 4.69
N GLU A 212 0.78 34.04 4.26
CA GLU A 212 0.08 35.28 4.60
C GLU A 212 -0.76 35.72 3.43
N PRO A 213 -1.96 36.24 3.67
CA PRO A 213 -2.75 36.78 2.56
C PRO A 213 -2.04 38.00 1.95
N ARG A 214 -2.27 38.19 0.64
CA ARG A 214 -1.47 39.15 -0.11
C ARG A 214 -1.83 40.60 0.23
N GLY A 215 -3.13 40.95 0.17
CA GLY A 215 -3.53 42.32 0.47
C GLY A 215 -4.94 42.69 0.05
N ASP B 1 17.74 -12.10 -22.06
CA ASP B 1 17.62 -13.42 -22.67
C ASP B 1 16.14 -13.83 -22.79
N VAL B 2 15.60 -14.39 -21.71
CA VAL B 2 14.22 -14.83 -21.66
C VAL B 2 13.34 -13.61 -21.51
N VAL B 3 12.40 -13.43 -22.43
CA VAL B 3 11.56 -12.25 -22.46
C VAL B 3 10.19 -12.59 -21.91
N MET B 4 9.73 -11.79 -20.95
CA MET B 4 8.36 -11.80 -20.48
C MET B 4 7.58 -10.69 -21.19
N THR B 5 6.47 -11.04 -21.84
CA THR B 5 5.60 -10.08 -22.50
C THR B 5 4.28 -9.98 -21.72
N GLN B 6 4.02 -8.81 -21.14
CA GLN B 6 2.90 -8.63 -20.23
C GLN B 6 1.91 -7.67 -20.84
N THR B 7 0.62 -8.05 -20.83
CA THR B 7 -0.47 -7.20 -21.38
C THR B 7 -1.74 -7.31 -20.52
N PRO B 8 -2.55 -6.24 -20.49
CA PRO B 8 -2.33 -4.94 -21.12
C PRO B 8 -1.28 -4.18 -20.35
N LEU B 9 -0.74 -3.10 -20.91
CA LEU B 9 0.18 -2.31 -20.12
C LEU B 9 -0.57 -1.42 -19.14
N SER B 10 -1.82 -1.09 -19.43
CA SER B 10 -2.69 -0.38 -18.52
C SER B 10 -4.02 -1.11 -18.45
N LEU B 11 -4.52 -1.32 -17.23
CA LEU B 11 -5.72 -2.08 -16.95
C LEU B 11 -6.73 -1.14 -16.28
N PRO B 12 -7.62 -0.48 -17.04
CA PRO B 12 -8.71 0.28 -16.41
C PRO B 12 -9.80 -0.67 -15.93
N VAL B 13 -10.18 -0.56 -14.66
CA VAL B 13 -11.14 -1.47 -14.07
C VAL B 13 -12.02 -0.71 -13.09
N SER B 14 -13.28 -1.12 -12.98
CA SER B 14 -14.21 -0.57 -11.99
C SER B 14 -14.14 -1.39 -10.72
N LEU B 15 -14.47 -0.76 -9.58
CA LEU B 15 -14.48 -1.51 -8.34
C LEU B 15 -15.53 -2.60 -8.41
N GLY B 16 -15.12 -3.83 -8.07
CA GLY B 16 -15.99 -5.00 -8.15
C GLY B 16 -15.80 -5.88 -9.37
N ASP B 17 -15.10 -5.39 -10.40
CA ASP B 17 -14.95 -6.07 -11.68
C ASP B 17 -14.01 -7.28 -11.60
N GLN B 18 -14.17 -8.18 -12.55
CA GLN B 18 -13.20 -9.21 -12.83
C GLN B 18 -12.19 -8.66 -13.82
N ALA B 19 -10.91 -8.92 -13.57
CA ALA B 19 -9.87 -8.47 -14.47
C ALA B 19 -8.86 -9.59 -14.68
N SER B 20 -8.07 -9.45 -15.74
CA SER B 20 -7.11 -10.49 -16.04
C SER B 20 -5.86 -9.84 -16.61
N ILE B 21 -4.70 -10.20 -16.06
CA ILE B 21 -3.40 -9.82 -16.63
C ILE B 21 -2.74 -11.07 -17.18
N SER B 22 -2.11 -10.95 -18.35
CA SER B 22 -1.51 -12.11 -18.99
C SER B 22 -0.03 -11.86 -19.21
N CYS B 23 0.74 -12.95 -19.14
CA CYS B 23 2.20 -12.90 -19.22
C CYS B 23 2.69 -14.04 -20.10
N ARG B 24 3.45 -13.69 -21.15
CA ARG B 24 3.97 -14.66 -22.09
C ARG B 24 5.49 -14.69 -22.00
N SER B 25 6.05 -15.85 -21.65
CA SER B 25 7.49 -16.08 -21.73
C SER B 25 7.87 -16.57 -23.11
N SER B 26 9.11 -16.30 -23.50
CA SER B 26 9.65 -16.80 -24.75
C SER B 26 10.29 -18.18 -24.62
N GLN B 27 10.28 -18.79 -23.43
CA GLN B 27 10.85 -20.11 -23.21
C GLN B 27 10.00 -20.89 -22.24
N SER B 28 10.09 -22.22 -22.31
CA SER B 28 9.49 -23.04 -21.27
CA SER B 28 9.49 -23.04 -21.27
C SER B 28 10.03 -22.60 -19.92
N LEU B 29 9.14 -22.56 -18.93
CA LEU B 29 9.58 -22.16 -17.59
C LEU B 29 9.58 -23.31 -16.60
N ILE B 30 9.63 -24.55 -17.08
CA ILE B 30 9.87 -25.68 -16.20
C ILE B 30 11.34 -25.70 -15.82
N TYR B 31 11.61 -25.90 -14.53
CA TYR B 31 12.95 -25.89 -13.96
C TYR B 31 13.55 -27.30 -14.05
N SER B 32 14.69 -27.52 -13.39
CA SER B 32 15.29 -28.85 -13.31
C SER B 32 14.57 -29.76 -12.32
N ASN B 33 13.71 -29.21 -11.45
CA ASN B 33 12.66 -30.03 -10.88
C ASN B 33 11.41 -29.85 -11.72
N GLY B 34 10.32 -30.49 -11.31
CA GLY B 34 9.13 -30.33 -12.14
C GLY B 34 8.50 -28.96 -12.08
N ASN B 35 8.95 -28.08 -11.18
CA ASN B 35 8.24 -26.85 -10.84
C ASN B 35 8.44 -25.79 -11.91
N THR B 36 7.55 -24.80 -11.90
CA THR B 36 7.53 -23.76 -12.92
C THR B 36 7.57 -22.41 -12.20
N TYR B 37 8.71 -21.75 -12.23
CA TYR B 37 8.88 -20.56 -11.39
C TYR B 37 8.42 -19.34 -12.18
N LEU B 38 7.13 -19.09 -12.14
CA LEU B 38 6.60 -17.83 -12.58
C LEU B 38 5.84 -17.19 -11.42
N HIS B 39 6.15 -15.93 -11.13
CA HIS B 39 5.57 -15.30 -9.97
C HIS B 39 4.82 -14.07 -10.42
N TRP B 40 4.07 -13.50 -9.49
CA TRP B 40 3.34 -12.26 -9.73
C TRP B 40 3.60 -11.31 -8.56
N TYR B 41 3.94 -10.06 -8.85
CA TYR B 41 4.12 -9.07 -7.79
C TYR B 41 3.22 -7.86 -8.03
N LEU B 42 2.76 -7.26 -6.94
CA LEU B 42 2.08 -5.99 -6.95
C LEU B 42 2.95 -4.98 -6.22
N GLN B 43 3.25 -3.87 -6.87
CA GLN B 43 4.02 -2.80 -6.26
C GLN B 43 3.12 -1.58 -6.09
N LYS B 44 2.70 -1.31 -4.85
CA LYS B 44 1.84 -0.17 -4.55
C LYS B 44 2.67 1.10 -4.54
N PRO B 45 2.04 2.26 -4.80
CA PRO B 45 2.81 3.49 -5.03
C PRO B 45 3.76 3.80 -3.88
N GLY B 46 4.95 4.25 -4.24
CA GLY B 46 6.01 4.51 -3.27
C GLY B 46 6.71 3.25 -2.76
N GLN B 47 5.92 2.19 -2.54
CA GLN B 47 6.41 0.99 -1.86
C GLN B 47 7.34 0.17 -2.77
N SER B 48 7.76 -0.96 -2.22
CA SER B 48 8.45 -2.00 -2.96
C SER B 48 7.46 -3.02 -3.47
N PRO B 49 7.90 -3.91 -4.37
CA PRO B 49 7.05 -5.03 -4.75
C PRO B 49 6.72 -5.95 -3.58
N LYS B 50 5.55 -6.57 -3.68
CA LYS B 50 5.06 -7.55 -2.73
C LYS B 50 4.68 -8.78 -3.53
N LEU B 51 4.73 -9.93 -2.90
CA LEU B 51 4.51 -11.16 -3.64
C LEU B 51 3.04 -11.57 -3.52
N LEU B 52 2.37 -11.71 -4.65
CA LEU B 52 0.95 -12.13 -4.72
C LEU B 52 0.81 -13.63 -4.96
N ILE B 53 1.35 -14.12 -6.08
CA ILE B 53 1.26 -15.51 -6.49
C ILE B 53 2.67 -16.01 -6.81
N TYR B 54 3.02 -17.20 -6.30
CA TYR B 54 4.27 -17.87 -6.66
C TYR B 54 3.99 -19.23 -7.28
N LYS B 55 4.85 -19.61 -8.22
CA LYS B 55 4.82 -20.91 -8.91
C LYS B 55 3.49 -21.10 -9.64
N VAL B 56 3.22 -20.13 -10.52
CA VAL B 56 2.08 -20.10 -11.41
C VAL B 56 0.76 -19.84 -10.69
N SER B 57 0.49 -20.56 -9.59
CA SER B 57 -0.89 -20.66 -9.11
C SER B 57 -1.10 -20.64 -7.60
N ASN B 58 -0.06 -20.65 -6.77
CA ASN B 58 -0.22 -20.76 -5.32
C ASN B 58 -0.25 -19.37 -4.70
N ARG B 59 -1.32 -19.08 -3.97
CA ARG B 59 -1.47 -17.78 -3.33
C ARG B 59 -0.48 -17.66 -2.18
N PHE B 60 0.38 -16.64 -2.20
CA PHE B 60 1.27 -16.39 -1.07
C PHE B 60 0.44 -16.06 0.17
N SER B 61 1.04 -16.26 1.35
CA SER B 61 0.30 -16.05 2.58
C SER B 61 0.03 -14.57 2.83
N GLY B 62 -1.00 -14.30 3.63
CA GLY B 62 -1.41 -12.93 3.85
C GLY B 62 -1.80 -12.21 2.58
N VAL B 63 -2.16 -12.94 1.55
CA VAL B 63 -2.58 -12.38 0.26
C VAL B 63 -4.05 -12.65 0.07
N PRO B 64 -4.85 -11.65 -0.30
CA PRO B 64 -6.30 -11.82 -0.34
C PRO B 64 -6.71 -12.85 -1.36
N ASP B 65 -7.73 -13.64 -1.00
CA ASP B 65 -8.27 -14.76 -1.76
C ASP B 65 -8.78 -14.39 -3.15
N ARG B 66 -8.93 -13.11 -3.44
CA ARG B 66 -9.41 -12.69 -4.76
C ARG B 66 -8.32 -12.59 -5.81
N PHE B 67 -7.04 -12.84 -5.46
CA PHE B 67 -5.97 -13.00 -6.43
C PHE B 67 -5.73 -14.49 -6.66
N SER B 68 -5.57 -14.87 -7.92
CA SER B 68 -5.25 -16.25 -8.25
C SER B 68 -4.60 -16.26 -9.63
N GLY B 69 -3.81 -17.30 -9.89
CA GLY B 69 -3.04 -17.38 -11.11
C GLY B 69 -3.04 -18.79 -11.66
N SER B 70 -2.78 -18.89 -12.96
CA SER B 70 -2.89 -20.14 -13.69
C SER B 70 -2.10 -20.01 -14.99
N GLY B 71 -2.08 -21.07 -15.76
CA GLY B 71 -1.35 -21.11 -17.02
C GLY B 71 -0.37 -22.26 -17.06
N SER B 72 0.30 -22.39 -18.20
CA SER B 72 1.18 -23.52 -18.40
C SER B 72 1.98 -23.32 -19.68
N GLY B 73 3.23 -23.75 -19.66
CA GLY B 73 4.07 -23.67 -20.83
C GLY B 73 4.60 -22.28 -21.05
N THR B 74 3.91 -21.46 -21.85
CA THR B 74 4.40 -20.14 -22.18
C THR B 74 3.39 -19.01 -22.02
N ASP B 75 2.11 -19.27 -21.75
CA ASP B 75 1.17 -18.20 -21.41
C ASP B 75 0.65 -18.43 -19.99
N PHE B 76 0.64 -17.37 -19.20
CA PHE B 76 0.27 -17.42 -17.80
C PHE B 76 -0.64 -16.24 -17.50
N THR B 77 -1.45 -16.37 -16.44
CA THR B 77 -2.50 -15.38 -16.23
C THR B 77 -2.67 -15.13 -14.75
N LEU B 78 -2.76 -13.85 -14.37
CA LEU B 78 -3.14 -13.48 -13.01
C LEU B 78 -4.55 -12.90 -13.05
N LYS B 79 -5.47 -13.53 -12.31
CA LYS B 79 -6.88 -13.17 -12.33
C LYS B 79 -7.27 -12.51 -11.01
N ILE B 80 -7.99 -11.39 -11.10
CA ILE B 80 -8.52 -10.69 -9.94
C ILE B 80 -10.04 -10.80 -9.99
N SER B 81 -10.61 -11.54 -9.03
CA SER B 81 -12.02 -11.90 -9.07
C SER B 81 -12.94 -10.74 -8.70
N ARG B 82 -12.44 -9.70 -8.05
CA ARG B 82 -13.29 -8.59 -7.60
C ARG B 82 -12.38 -7.44 -7.15
N VAL B 83 -12.11 -6.49 -8.05
CA VAL B 83 -11.20 -5.41 -7.75
C VAL B 83 -11.71 -4.63 -6.54
N GLU B 84 -10.78 -4.16 -5.73
CA GLU B 84 -11.03 -3.29 -4.60
C GLU B 84 -10.17 -2.04 -4.77
N ALA B 85 -10.32 -1.08 -3.86
CA ALA B 85 -9.50 0.12 -3.94
C ALA B 85 -8.05 -0.14 -3.57
N GLU B 86 -7.82 -1.12 -2.69
CA GLU B 86 -6.45 -1.48 -2.33
C GLU B 86 -5.63 -1.82 -3.55
N ASP B 87 -6.29 -2.35 -4.58
CA ASP B 87 -5.65 -3.10 -5.65
C ASP B 87 -4.89 -2.22 -6.64
N LEU B 88 -5.00 -0.88 -6.55
CA LEU B 88 -4.24 -0.03 -7.46
C LEU B 88 -2.75 -0.17 -7.21
N GLY B 89 -1.98 0.01 -8.26
CA GLY B 89 -0.56 -0.25 -8.22
C GLY B 89 -0.10 -0.87 -9.51
N VAL B 90 1.19 -1.20 -9.61
CA VAL B 90 1.76 -1.86 -10.77
C VAL B 90 1.87 -3.35 -10.49
N TYR B 91 1.60 -4.15 -11.50
CA TYR B 91 1.57 -5.59 -11.39
C TYR B 91 2.62 -6.14 -12.34
N PHE B 92 3.50 -7.02 -11.83
CA PHE B 92 4.56 -7.64 -12.63
C PHE B 92 4.49 -9.16 -12.53
N CYS B 93 4.71 -9.83 -13.64
CA CYS B 93 5.19 -11.21 -13.59
C CYS B 93 6.71 -11.23 -13.56
N SER B 94 7.26 -12.25 -12.93
CA SER B 94 8.68 -12.53 -13.02
C SER B 94 8.86 -14.01 -13.26
N GLN B 95 9.93 -14.36 -13.95
CA GLN B 95 10.31 -15.76 -14.08
C GLN B 95 11.60 -15.99 -13.29
N ASN B 96 11.71 -17.14 -12.66
CA ASN B 96 12.91 -17.49 -11.92
C ASN B 96 13.44 -18.85 -12.35
N THR B 97 13.04 -19.33 -13.52
CA THR B 97 13.55 -20.61 -14.01
C THR B 97 14.92 -20.46 -14.65
N HIS B 98 15.20 -19.28 -15.16
CA HIS B 98 16.38 -19.00 -15.96
C HIS B 98 17.13 -17.81 -15.40
N ILE B 99 18.43 -17.95 -15.24
CA ILE B 99 19.35 -16.86 -14.96
C ILE B 99 19.63 -16.12 -16.26
N PRO B 100 19.46 -14.81 -16.29
CA PRO B 100 18.95 -13.91 -15.24
C PRO B 100 17.43 -13.88 -15.12
N TYR B 101 16.95 -13.81 -13.89
CA TYR B 101 15.54 -13.55 -13.62
C TYR B 101 15.08 -12.37 -14.45
N THR B 102 13.93 -12.49 -15.09
CA THR B 102 13.41 -11.39 -15.87
C THR B 102 12.00 -11.02 -15.42
N PHE B 103 11.71 -9.73 -15.48
CA PHE B 103 10.43 -9.21 -15.08
C PHE B 103 9.69 -8.72 -16.32
N GLY B 104 8.36 -8.85 -16.28
CA GLY B 104 7.53 -8.21 -17.27
C GLY B 104 7.61 -6.70 -17.16
N GLY B 105 7.06 -6.03 -18.17
CA GLY B 105 7.05 -4.57 -18.16
C GLY B 105 6.14 -3.97 -17.10
N GLY B 106 5.15 -4.72 -16.63
CA GLY B 106 4.22 -4.21 -15.65
C GLY B 106 2.90 -3.81 -16.28
N THR B 107 1.84 -3.86 -15.48
CA THR B 107 0.50 -3.44 -15.87
C THR B 107 0.00 -2.50 -14.79
N LYS B 108 -0.15 -1.21 -15.10
CA LYS B 108 -0.65 -0.27 -14.10
C LYS B 108 -2.18 -0.36 -14.02
N LEU B 109 -2.70 -0.79 -12.87
CA LEU B 109 -4.13 -0.93 -12.67
C LEU B 109 -4.75 0.40 -12.26
N GLU B 110 -5.63 0.94 -13.10
CA GLU B 110 -6.31 2.20 -12.84
C GLU B 110 -7.74 1.92 -12.38
N ILE B 111 -8.14 2.55 -11.28
CA ILE B 111 -9.51 2.46 -10.80
C ILE B 111 -10.35 3.43 -11.61
N LYS B 112 -11.39 2.91 -12.27
CA LYS B 112 -12.24 3.70 -13.14
C LYS B 112 -13.41 4.27 -12.34
N ARG B 113 -13.62 5.58 -12.47
CA ARG B 113 -14.65 6.28 -11.69
C ARG B 113 -15.34 7.32 -12.57
N ALA B 114 -16.37 7.96 -12.01
CA ALA B 114 -17.12 8.97 -12.74
C ALA B 114 -16.22 10.15 -13.10
N ASP B 115 -16.59 10.88 -14.14
CA ASP B 115 -15.76 11.98 -14.59
C ASP B 115 -15.74 13.11 -13.56
N ALA B 116 -14.64 13.84 -13.53
CA ALA B 116 -14.44 14.94 -12.59
C ALA B 116 -13.62 16.03 -13.26
N ALA B 117 -14.11 17.32 -13.15
CA ALA B 117 -13.39 18.35 -13.86
C ALA B 117 -12.27 18.97 -12.99
N PRO B 118 -11.20 19.46 -13.62
CA PRO B 118 -10.12 20.12 -12.86
C PRO B 118 -10.65 21.25 -12.00
N THR B 119 -10.16 21.30 -10.77
CA THR B 119 -10.28 22.47 -9.91
C THR B 119 -9.03 23.34 -10.11
N VAL B 120 -9.10 24.26 -11.06
CA VAL B 120 -7.93 25.05 -11.45
C VAL B 120 -7.73 26.16 -10.43
N SER B 121 -6.47 26.40 -10.07
CA SER B 121 -6.08 27.54 -9.24
C SER B 121 -4.71 28.03 -9.72
N ILE B 122 -4.56 29.35 -9.81
CA ILE B 122 -3.39 30.03 -10.34
C ILE B 122 -2.80 30.92 -9.24
N PHE B 123 -1.48 31.14 -9.31
CA PHE B 123 -0.81 31.91 -8.27
C PHE B 123 0.22 32.89 -8.83
N PRO B 124 0.11 34.18 -8.53
CA PRO B 124 1.12 35.13 -9.00
C PRO B 124 2.46 34.92 -8.30
N PRO B 125 3.52 35.50 -8.83
CA PRO B 125 4.80 35.49 -8.10
C PRO B 125 4.63 36.02 -6.69
N SER B 126 5.19 35.30 -5.74
CA SER B 126 5.26 35.81 -4.38
C SER B 126 6.13 37.06 -4.34
N SER B 127 5.88 37.90 -3.34
CA SER B 127 6.72 39.08 -3.17
C SER B 127 8.16 38.67 -2.86
N GLU B 128 8.35 37.66 -2.01
CA GLU B 128 9.71 37.29 -1.62
C GLU B 128 10.53 36.82 -2.83
N GLN B 129 9.90 36.13 -3.78
CA GLN B 129 10.60 35.74 -5.00
C GLN B 129 10.99 36.97 -5.82
N LEU B 130 10.06 37.92 -5.96
CA LEU B 130 10.31 39.05 -6.84
C LEU B 130 11.44 39.95 -6.35
N THR B 131 11.67 40.06 -5.04
CA THR B 131 12.82 40.86 -4.62
C THR B 131 14.13 40.26 -5.13
N SER B 132 14.25 38.93 -5.08
CA SER B 132 15.44 38.25 -5.59
C SER B 132 15.45 38.13 -7.11
N GLY B 133 14.56 38.87 -7.80
CA GLY B 133 14.57 38.97 -9.25
C GLY B 133 13.94 37.83 -10.02
N GLY B 134 13.31 36.86 -9.33
CA GLY B 134 12.60 35.78 -9.99
C GLY B 134 11.09 35.99 -9.95
N ALA B 135 10.40 35.41 -10.94
CA ALA B 135 8.93 35.50 -11.04
C ALA B 135 8.42 34.14 -11.51
N SER B 136 7.95 33.33 -10.57
CA SER B 136 7.29 32.08 -10.89
C SER B 136 5.78 32.26 -10.76
N VAL B 137 5.05 31.57 -11.63
CA VAL B 137 3.61 31.64 -11.71
C VAL B 137 3.11 30.21 -11.68
N VAL B 138 2.45 29.82 -10.59
CA VAL B 138 2.06 28.44 -10.41
C VAL B 138 0.55 28.28 -10.65
N CYS B 139 0.19 27.12 -11.17
CA CYS B 139 -1.20 26.83 -11.51
C CYS B 139 -1.49 25.37 -11.21
N PHE B 140 -2.38 25.11 -10.24
CA PHE B 140 -2.74 23.74 -9.86
C PHE B 140 -4.01 23.28 -10.58
N LEU B 141 -3.99 22.08 -11.12
CA LEU B 141 -5.13 21.46 -11.76
C LEU B 141 -5.49 20.23 -10.92
N ASN B 142 -6.40 20.41 -9.96
CA ASN B 142 -6.59 19.42 -8.92
C ASN B 142 -7.79 18.52 -9.15
N ASN B 143 -7.68 17.29 -8.63
CA ASN B 143 -8.73 16.27 -8.59
C ASN B 143 -9.60 16.19 -9.84
N PHE B 144 -9.04 15.66 -10.92
CA PHE B 144 -9.78 15.44 -12.15
C PHE B 144 -9.70 13.97 -12.54
N TYR B 145 -10.57 13.59 -13.49
CA TYR B 145 -10.55 12.26 -14.10
C TYR B 145 -11.29 12.35 -15.45
N PRO B 146 -10.80 11.63 -16.47
CA PRO B 146 -9.64 10.74 -16.48
C PRO B 146 -8.33 11.52 -16.49
N LYS B 147 -7.22 10.79 -16.57
CA LYS B 147 -5.89 11.37 -16.38
C LYS B 147 -5.44 12.24 -17.54
N ASP B 148 -5.88 11.94 -18.76
CA ASP B 148 -5.44 12.72 -19.92
C ASP B 148 -5.98 14.14 -19.80
N ILE B 149 -5.07 15.08 -19.53
CA ILE B 149 -5.36 16.50 -19.45
C ILE B 149 -4.29 17.24 -20.25
N ASN B 150 -4.52 18.53 -20.46
CA ASN B 150 -3.45 19.34 -21.05
C ASN B 150 -3.63 20.78 -20.62
N VAL B 151 -2.58 21.33 -20.02
CA VAL B 151 -2.60 22.72 -19.54
C VAL B 151 -1.91 23.59 -20.59
N LYS B 152 -2.27 24.87 -20.60
CA LYS B 152 -1.80 25.85 -21.57
C LYS B 152 -1.62 27.19 -20.87
N TRP B 153 -0.61 27.95 -21.29
CA TRP B 153 -0.32 29.25 -20.71
C TRP B 153 -0.59 30.37 -21.70
N LYS B 154 -1.22 31.43 -21.21
CA LYS B 154 -1.54 32.61 -21.98
C LYS B 154 -0.96 33.82 -21.27
N ILE B 155 -0.18 34.63 -22.00
CA ILE B 155 0.36 35.89 -21.52
C ILE B 155 -0.09 37.01 -22.45
N ASP B 156 -0.88 37.95 -21.92
CA ASP B 156 -1.52 38.99 -22.73
C ASP B 156 -2.09 38.42 -24.03
N GLY B 157 -2.94 37.42 -23.86
CA GLY B 157 -3.58 36.74 -24.98
C GLY B 157 -2.75 35.70 -25.69
N SER B 158 -1.52 36.03 -26.01
CA SER B 158 -0.67 35.10 -26.76
C SER B 158 -0.22 33.93 -25.89
N GLU B 159 0.07 32.82 -26.55
CA GLU B 159 0.48 31.59 -25.89
C GLU B 159 1.97 31.62 -25.57
N ARG B 160 2.35 30.88 -24.53
CA ARG B 160 3.72 30.88 -24.04
C ARG B 160 4.13 29.46 -23.69
N GLN B 161 5.30 29.03 -24.19
CA GLN B 161 5.72 27.65 -23.99
C GLN B 161 7.10 27.49 -23.35
N ASN B 162 8.11 28.26 -23.76
CA ASN B 162 9.40 28.13 -23.10
C ASN B 162 9.30 28.66 -21.67
N GLY B 163 9.68 27.83 -20.70
CA GLY B 163 9.71 28.21 -19.29
C GLY B 163 8.85 27.36 -18.37
N VAL B 164 8.10 26.38 -18.87
CA VAL B 164 7.09 25.68 -18.08
C VAL B 164 7.64 24.39 -17.49
N LEU B 165 7.31 24.14 -16.23
CA LEU B 165 7.65 22.90 -15.55
C LEU B 165 6.36 22.23 -15.11
N ASN B 166 6.12 21.01 -15.59
CA ASN B 166 4.89 20.28 -15.32
C ASN B 166 5.19 19.07 -14.46
N SER B 167 4.24 18.72 -13.60
CA SER B 167 4.36 17.60 -12.70
C SER B 167 3.00 16.98 -12.53
N TRP B 168 2.95 15.68 -12.29
CA TRP B 168 1.69 14.94 -12.25
C TRP B 168 1.68 13.95 -11.11
N THR B 169 0.66 14.04 -10.26
CA THR B 169 0.48 13.02 -9.25
C THR B 169 0.06 11.70 -9.87
N ASP B 170 0.30 10.62 -9.12
CA ASP B 170 -0.26 9.32 -9.43
C ASP B 170 -1.75 9.32 -9.10
N GLN B 171 -2.39 8.16 -9.24
CA GLN B 171 -3.81 8.09 -8.93
C GLN B 171 -4.01 8.00 -7.42
N ASP B 172 -4.62 9.05 -6.85
CA ASP B 172 -5.00 9.07 -5.45
C ASP B 172 -5.71 7.78 -5.05
N SER B 173 -5.36 7.27 -3.87
CA SER B 173 -5.89 5.99 -3.42
C SER B 173 -7.24 6.11 -2.71
N LYS B 174 -7.67 7.33 -2.38
CA LYS B 174 -8.93 7.49 -1.66
C LYS B 174 -10.09 7.89 -2.58
N ASP B 175 -9.86 8.82 -3.51
CA ASP B 175 -10.90 9.27 -4.43
C ASP B 175 -10.62 8.95 -5.88
N SER B 176 -9.54 8.22 -6.18
CA SER B 176 -9.23 7.72 -7.53
C SER B 176 -9.04 8.83 -8.55
N THR B 177 -8.57 10.02 -8.12
CA THR B 177 -8.39 11.15 -9.03
C THR B 177 -6.90 11.40 -9.36
N TYR B 178 -6.69 12.49 -10.08
CA TYR B 178 -5.39 12.84 -10.63
C TYR B 178 -5.22 14.34 -10.46
N SER B 179 -3.98 14.80 -10.27
CA SER B 179 -3.73 16.23 -10.25
C SER B 179 -2.43 16.55 -10.97
N MET B 180 -2.28 17.82 -11.30
CA MET B 180 -1.13 18.32 -12.03
C MET B 180 -0.79 19.69 -11.50
N SER B 181 0.49 20.00 -11.46
CA SER B 181 0.94 21.34 -11.14
C SER B 181 1.74 21.85 -12.31
N SER B 182 1.66 23.15 -12.57
CA SER B 182 2.43 23.75 -13.66
C SER B 182 2.96 25.09 -13.20
N THR B 183 4.27 25.30 -13.37
CA THR B 183 4.91 26.56 -13.00
C THR B 183 5.61 27.14 -14.21
N LEU B 184 5.42 28.43 -14.40
CA LEU B 184 6.01 29.18 -15.50
C LEU B 184 6.94 30.22 -14.90
N THR B 185 8.22 30.11 -15.21
CA THR B 185 9.23 30.92 -14.56
C THR B 185 9.84 31.89 -15.56
N LEU B 186 9.83 33.16 -15.19
CA LEU B 186 10.41 34.24 -15.96
C LEU B 186 11.28 35.06 -15.03
N THR B 187 12.03 35.99 -15.60
CA THR B 187 12.73 36.93 -14.75
C THR B 187 11.76 38.03 -14.28
N LYS B 188 12.21 38.82 -13.30
CA LYS B 188 11.37 39.93 -12.87
C LYS B 188 11.18 40.91 -14.01
N ASP B 189 12.22 41.11 -14.83
CA ASP B 189 12.14 42.10 -15.90
C ASP B 189 11.18 41.68 -17.00
N GLU B 190 11.07 40.39 -17.31
CA GLU B 190 10.08 40.04 -18.31
C GLU B 190 8.69 40.07 -17.73
N TYR B 191 8.55 39.63 -16.49
CA TYR B 191 7.22 39.50 -15.90
C TYR B 191 6.54 40.85 -15.74
N GLU B 192 7.31 41.89 -15.40
CA GLU B 192 6.73 43.23 -15.30
C GLU B 192 6.40 43.82 -16.67
N ARG B 193 6.90 43.23 -17.77
CA ARG B 193 6.52 43.67 -19.11
C ARG B 193 5.15 43.16 -19.55
N HIS B 194 4.57 42.21 -18.83
CA HIS B 194 3.28 41.69 -19.22
C HIS B 194 2.23 42.06 -18.19
N ASN B 195 0.98 41.97 -18.60
CA ASN B 195 -0.08 42.36 -17.69
C ASN B 195 -1.00 41.21 -17.30
N SER B 196 -1.40 40.37 -18.26
CA SER B 196 -2.36 39.31 -18.06
C SER B 196 -1.67 37.95 -18.17
N TYR B 197 -1.72 37.16 -17.10
CA TYR B 197 -1.25 35.78 -17.10
C TYR B 197 -2.44 34.84 -16.90
N THR B 198 -2.58 33.85 -17.78
CA THR B 198 -3.72 32.96 -17.77
C THR B 198 -3.23 31.51 -17.78
N CYS B 199 -4.04 30.64 -17.19
CA CYS B 199 -3.77 29.22 -17.14
C CYS B 199 -5.00 28.47 -17.68
N GLU B 200 -4.85 27.79 -18.83
CA GLU B 200 -5.95 27.12 -19.51
C GLU B 200 -5.81 25.60 -19.47
N ALA B 201 -6.88 24.90 -19.10
CA ALA B 201 -6.89 23.44 -19.04
C ALA B 201 -8.00 22.88 -19.93
N THR B 202 -7.63 22.12 -20.95
CA THR B 202 -8.60 21.37 -21.75
C THR B 202 -8.63 19.92 -21.29
N HIS B 203 -9.83 19.42 -21.00
CA HIS B 203 -10.02 18.11 -20.41
C HIS B 203 -11.25 17.47 -21.02
N LYS B 204 -11.44 16.18 -20.79
CA LYS B 204 -12.58 15.49 -21.38
C LYS B 204 -13.90 16.05 -20.87
N THR B 205 -13.96 16.44 -19.60
CA THR B 205 -15.21 16.83 -18.96
C THR B 205 -15.82 18.10 -19.54
N SER B 206 -15.13 18.80 -20.42
CA SER B 206 -15.71 19.96 -21.06
C SER B 206 -15.18 20.14 -22.47
N THR B 207 -16.02 20.73 -23.32
CA THR B 207 -15.60 21.16 -24.64
C THR B 207 -14.88 22.50 -24.56
N SER B 208 -15.37 23.40 -23.71
CA SER B 208 -14.70 24.66 -23.40
C SER B 208 -13.57 24.40 -22.41
N PRO B 209 -12.49 25.18 -22.48
CA PRO B 209 -11.41 25.02 -21.51
C PRO B 209 -11.71 25.74 -20.21
N ILE B 210 -11.14 25.24 -19.13
CA ILE B 210 -11.20 25.94 -17.85
C ILE B 210 -10.02 26.91 -17.77
N VAL B 211 -10.31 28.12 -17.31
CA VAL B 211 -9.40 29.25 -17.45
C VAL B 211 -9.40 29.97 -16.12
N LYS B 212 -8.24 30.13 -15.52
CA LYS B 212 -8.08 31.06 -14.41
C LYS B 212 -6.95 32.01 -14.74
N SER B 213 -7.15 33.29 -14.44
CA SER B 213 -6.23 34.33 -14.90
C SER B 213 -6.13 35.43 -13.84
N PHE B 214 -5.10 36.25 -13.98
CA PHE B 214 -5.01 37.44 -13.14
C PHE B 214 -4.33 38.55 -13.93
N ASN B 215 -4.53 39.77 -13.47
CA ASN B 215 -3.75 40.91 -13.92
C ASN B 215 -2.88 41.38 -12.76
N ARG B 216 -1.85 42.18 -13.07
CA ARG B 216 -0.87 42.51 -12.04
C ARG B 216 -1.36 43.58 -11.05
N ASN B 217 -2.62 44.01 -11.16
CA ASN B 217 -3.22 44.90 -10.16
C ASN B 217 -4.49 44.28 -9.59
N GLN C 1 10.93 12.78 7.83
CA GLN C 1 11.39 11.53 7.24
C GLN C 1 12.29 10.74 8.22
N VAL C 2 13.22 9.95 7.68
CA VAL C 2 14.17 9.17 8.48
C VAL C 2 15.55 9.23 7.85
N GLN C 3 16.51 9.83 8.56
CA GLN C 3 17.89 9.93 8.10
C GLN C 3 18.77 8.82 8.65
N LEU C 4 18.29 8.01 9.61
CA LEU C 4 19.13 7.01 10.26
C LEU C 4 18.41 5.66 10.32
N GLN C 5 19.03 4.63 9.76
CA GLN C 5 18.44 3.30 9.69
C GLN C 5 19.06 2.40 10.76
N GLN C 6 18.29 2.07 11.81
CA GLN C 6 18.66 1.06 12.80
C GLN C 6 17.91 -0.23 12.54
N PRO C 7 18.46 -1.39 12.90
CA PRO C 7 17.71 -2.64 12.74
C PRO C 7 16.58 -2.73 13.75
N GLY C 8 15.55 -3.50 13.40
CA GLY C 8 14.33 -3.52 14.19
C GLY C 8 14.49 -4.17 15.56
N SER C 9 15.02 -5.39 15.60
CA SER C 9 15.17 -6.13 16.86
C SER C 9 16.48 -6.93 16.83
N GLU C 10 16.83 -7.45 18.00
CA GLU C 10 18.01 -8.29 18.17
C GLU C 10 17.79 -9.19 19.39
N LEU C 11 17.87 -10.50 19.18
CA LEU C 11 17.94 -11.47 20.27
C LEU C 11 19.40 -11.82 20.56
N VAL C 12 19.83 -11.65 21.80
CA VAL C 12 21.16 -12.06 22.22
C VAL C 12 21.04 -12.89 23.50
N ARG C 13 22.16 -13.60 23.85
CA ARG C 13 22.25 -14.46 25.01
C ARG C 13 22.89 -13.72 26.19
N PRO C 14 22.58 -14.11 27.42
CA PRO C 14 23.30 -13.53 28.56
C PRO C 14 24.80 -13.79 28.47
N GLY C 15 25.58 -12.82 28.93
CA GLY C 15 27.02 -12.93 28.84
C GLY C 15 27.64 -12.52 27.52
N ALA C 16 26.92 -12.70 26.42
CA ALA C 16 27.42 -12.33 25.10
C ALA C 16 27.46 -10.81 24.95
N SER C 17 27.82 -10.37 23.74
CA SER C 17 27.88 -8.96 23.36
C SER C 17 27.20 -8.80 22.01
N VAL C 18 26.79 -7.57 21.72
CA VAL C 18 26.05 -7.25 20.50
C VAL C 18 26.52 -5.89 20.00
N LYS C 19 26.74 -5.78 18.68
CA LYS C 19 27.14 -4.54 18.02
C LYS C 19 25.94 -3.96 17.24
N LEU C 20 25.32 -2.90 17.76
CA LEU C 20 24.27 -2.21 17.06
C LEU C 20 24.83 -1.25 16.01
N SER C 21 24.20 -1.23 14.83
CA SER C 21 24.58 -0.34 13.74
C SER C 21 23.62 0.83 13.58
N CYS C 22 24.10 1.85 12.87
CA CYS C 22 23.32 3.06 12.65
C CYS C 22 23.91 3.69 11.39
N LYS C 23 23.25 3.44 10.24
CA LYS C 23 23.66 3.95 8.94
C LYS C 23 23.09 5.34 8.77
N ALA C 24 23.96 6.34 8.74
CA ALA C 24 23.63 7.69 8.34
C ALA C 24 23.45 7.73 6.84
N SER C 25 22.70 8.73 6.38
CA SER C 25 22.44 8.84 4.96
C SER C 25 21.68 10.13 4.72
N GLY C 26 21.96 10.79 3.60
CA GLY C 26 21.29 12.03 3.24
C GLY C 26 21.82 13.27 3.92
N TYR C 27 22.90 13.16 4.69
CA TYR C 27 23.55 14.31 5.28
C TYR C 27 25.02 13.96 5.51
N THR C 28 25.79 14.98 5.86
CA THR C 28 27.25 14.85 5.96
C THR C 28 27.65 14.20 7.27
N PHE C 29 27.90 12.90 7.24
CA PHE C 29 28.07 12.11 8.46
C PHE C 29 29.04 12.76 9.44
N THR C 30 30.20 13.21 8.96
CA THR C 30 31.29 13.59 9.85
C THR C 30 31.07 14.93 10.55
N ASN C 31 29.99 15.66 10.21
CA ASN C 31 29.84 17.02 10.72
C ASN C 31 29.08 17.09 12.04
N TYR C 32 28.32 16.07 12.38
CA TYR C 32 27.56 16.11 13.61
C TYR C 32 27.92 14.94 14.52
N TRP C 33 28.05 15.26 15.81
CA TRP C 33 28.04 14.26 16.88
C TRP C 33 26.90 13.26 16.70
N MET C 34 27.14 12.07 17.23
CA MET C 34 26.21 10.95 17.21
C MET C 34 26.00 10.53 18.65
N HIS C 35 24.76 10.51 19.12
CA HIS C 35 24.45 10.16 20.51
C HIS C 35 23.70 8.83 20.55
N TRP C 36 23.73 8.18 21.72
CA TRP C 36 22.99 6.94 21.93
C TRP C 36 22.19 7.04 23.20
N VAL C 37 20.92 6.60 23.13
CA VAL C 37 19.97 6.69 24.22
C VAL C 37 19.40 5.31 24.50
N LYS C 38 19.35 4.94 25.77
CA LYS C 38 18.66 3.75 26.27
C LYS C 38 17.23 4.09 26.70
N GLN C 39 16.29 3.24 26.29
CA GLN C 39 14.91 3.31 26.77
C GLN C 39 14.40 1.92 27.08
N ARG C 40 14.13 1.64 28.36
CA ARG C 40 13.33 0.49 28.74
C ARG C 40 11.85 0.86 28.66
N PRO C 41 10.93 -0.10 28.70
CA PRO C 41 9.52 0.29 28.86
C PRO C 41 9.26 0.79 30.26
N GLY C 42 8.15 1.52 30.40
CA GLY C 42 8.05 2.41 31.53
C GLY C 42 9.14 3.44 31.40
N GLN C 43 9.37 3.91 30.16
CA GLN C 43 10.48 4.72 29.69
C GLN C 43 11.59 5.00 30.69
N GLY C 44 11.83 6.28 30.95
CA GLY C 44 13.07 6.69 31.56
C GLY C 44 14.14 6.63 30.49
N LEU C 45 14.39 7.74 29.80
CA LEU C 45 15.46 7.83 28.83
C LEU C 45 16.80 8.01 29.54
N GLU C 46 17.80 7.23 29.14
CA GLU C 46 19.16 7.34 29.64
C GLU C 46 20.08 7.71 28.50
N TRP C 47 20.84 8.77 28.67
CA TRP C 47 21.87 9.08 27.70
C TRP C 47 23.10 8.21 27.97
N ILE C 48 23.51 7.42 26.98
CA ILE C 48 24.68 6.53 27.10
C ILE C 48 25.96 7.25 26.76
N GLY C 49 26.03 7.88 25.60
CA GLY C 49 27.20 8.67 25.26
C GLY C 49 27.11 9.23 23.86
N ASN C 50 28.14 9.95 23.46
CA ASN C 50 28.21 10.42 22.08
C ASN C 50 29.60 10.17 21.53
N ILE C 51 29.75 10.41 20.23
CA ILE C 51 31.00 10.23 19.50
C ILE C 51 31.00 11.20 18.33
N TYR C 52 32.19 11.58 17.87
CA TYR C 52 32.27 12.55 16.78
C TYR C 52 32.86 11.89 15.54
N PRO C 53 32.06 11.56 14.53
CA PRO C 53 32.56 10.70 13.42
C PRO C 53 33.88 11.15 12.83
N GLY C 54 34.13 12.47 12.78
CA GLY C 54 35.37 12.95 12.19
C GLY C 54 36.62 12.49 12.92
N SER C 55 36.64 12.64 14.24
CA SER C 55 37.82 12.32 15.04
C SER C 55 37.73 11.00 15.79
N GLY C 56 36.53 10.48 16.04
CA GLY C 56 36.36 9.31 16.86
C GLY C 56 36.29 9.61 18.33
N THR C 57 36.43 10.88 18.71
CA THR C 57 36.39 11.25 20.12
C THR C 57 35.05 10.88 20.70
N THR C 58 35.07 10.29 21.89
CA THR C 58 33.86 9.84 22.56
C THR C 58 33.64 10.58 23.87
N ASN C 59 32.43 10.45 24.40
CA ASN C 59 32.06 10.95 25.72
C ASN C 59 31.08 9.93 26.29
N TYR C 60 31.49 9.20 27.31
CA TYR C 60 30.65 8.21 27.93
C TYR C 60 30.02 8.76 29.20
N ASN C 61 28.81 8.31 29.46
CA ASN C 61 28.20 8.39 30.77
C ASN C 61 28.88 7.39 31.69
N GLU C 62 29.39 7.87 32.84
CA GLU C 62 30.05 6.96 33.78
C GLU C 62 29.26 5.67 33.99
N LYS C 63 27.94 5.80 34.18
CA LYS C 63 27.04 4.67 34.38
C LYS C 63 27.18 3.59 33.29
N PHE C 64 27.78 3.90 32.15
CA PHE C 64 27.81 2.99 31.01
C PHE C 64 29.21 2.68 30.50
N LYS C 65 30.26 3.20 31.13
CA LYS C 65 31.60 3.05 30.60
C LYS C 65 31.99 1.59 30.46
N ARG C 66 31.57 0.77 31.41
CA ARG C 66 31.97 -0.62 31.44
C ARG C 66 30.97 -1.51 30.74
N LYS C 67 30.03 -0.94 30.01
CA LYS C 67 29.01 -1.69 29.30
C LYS C 67 29.03 -1.46 27.79
N ALA C 68 29.37 -0.26 27.35
CA ALA C 68 29.14 0.14 25.96
C ALA C 68 30.45 0.60 25.33
N THR C 69 30.52 0.50 24.01
CA THR C 69 31.67 0.99 23.26
C THR C 69 31.17 1.63 21.96
N LEU C 70 31.47 2.92 21.78
CA LEU C 70 31.05 3.63 20.60
C LEU C 70 32.19 3.75 19.61
N THR C 71 31.87 3.51 18.33
CA THR C 71 32.81 3.64 17.23
C THR C 71 32.02 4.12 16.02
N VAL C 72 32.74 4.58 15.00
CA VAL C 72 32.16 4.92 13.72
C VAL C 72 33.02 4.32 12.62
N ASP C 73 32.49 4.37 11.41
CA ASP C 73 33.17 3.94 10.18
C ASP C 73 32.78 4.96 9.11
N THR C 74 33.65 5.95 8.91
CA THR C 74 33.32 7.06 8.03
C THR C 74 33.36 6.67 6.57
N SER C 75 33.79 5.44 6.25
CA SER C 75 33.72 4.99 4.87
C SER C 75 32.31 4.56 4.51
N SER C 76 31.71 3.71 5.35
CA SER C 76 30.34 3.27 5.21
C SER C 76 29.32 4.17 5.92
N ASN C 77 29.74 5.33 6.44
CA ASN C 77 28.83 6.27 7.09
C ASN C 77 27.99 5.61 8.18
N THR C 78 28.64 4.85 9.06
CA THR C 78 27.88 4.02 10.01
C THR C 78 28.44 4.17 11.42
N ALA C 79 27.53 4.27 12.38
CA ALA C 79 27.88 4.44 13.78
C ALA C 79 27.51 3.16 14.53
N TYR C 80 28.40 2.69 15.40
CA TYR C 80 28.18 1.46 16.13
C TYR C 80 28.25 1.69 17.63
N MET C 81 27.42 0.95 18.35
CA MET C 81 27.51 0.80 19.79
C MET C 81 27.59 -0.69 20.08
N GLU C 82 28.58 -1.11 20.85
CA GLU C 82 28.69 -2.50 21.22
C GLU C 82 28.39 -2.61 22.72
N LEU C 83 27.44 -3.48 23.05
CA LEU C 83 27.05 -3.74 24.43
C LEU C 83 27.59 -5.12 24.81
N SER C 84 28.50 -5.15 25.78
CA SER C 84 29.11 -6.43 26.11
C SER C 84 28.71 -6.84 27.52
N SER C 85 28.93 -8.13 27.82
CA SER C 85 28.53 -8.79 29.07
C SER C 85 27.07 -8.47 29.43
N LEU C 86 26.20 -9.01 28.59
CA LEU C 86 24.81 -8.57 28.55
C LEU C 86 23.98 -9.30 29.58
N THR C 87 23.31 -8.56 30.44
CA THR C 87 22.44 -9.15 31.43
C THR C 87 21.00 -8.75 31.12
N SER C 88 20.09 -9.12 32.02
CA SER C 88 18.68 -8.86 31.75
C SER C 88 18.38 -7.37 31.76
N GLU C 89 19.09 -6.60 32.58
CA GLU C 89 18.84 -5.16 32.61
C GLU C 89 19.33 -4.45 31.34
N ASP C 90 19.92 -5.16 30.39
CA ASP C 90 20.29 -4.55 29.13
C ASP C 90 19.22 -4.76 28.05
N SER C 91 18.17 -5.54 28.32
CA SER C 91 17.04 -5.59 27.40
C SER C 91 16.34 -4.23 27.43
N ALA C 92 16.24 -3.62 26.25
CA ALA C 92 15.65 -2.29 26.10
C ALA C 92 15.59 -1.91 24.65
N VAL C 93 15.11 -0.71 24.36
CA VAL C 93 15.18 -0.15 23.03
C VAL C 93 16.34 0.82 23.02
N TYR C 94 17.20 0.73 22.01
CA TYR C 94 18.42 1.54 21.98
C TYR C 94 18.37 2.47 20.78
N PHE C 95 18.49 3.78 21.05
CA PHE C 95 18.25 4.79 20.04
C PHE C 95 19.55 5.42 19.57
N CYS C 96 19.53 5.81 18.30
CA CYS C 96 20.61 6.49 17.61
C CYS C 96 20.14 7.88 17.28
N THR C 97 20.82 8.92 17.79
CA THR C 97 20.25 10.24 17.53
C THR C 97 21.29 11.32 17.29
N VAL C 98 21.05 12.19 16.30
CA VAL C 98 21.77 13.45 16.15
C VAL C 98 20.99 14.55 16.83
N VAL C 99 21.43 14.93 18.03
CA VAL C 99 20.72 15.93 18.79
C VAL C 99 20.55 17.20 17.99
N ARG C 100 21.60 17.64 17.30
CA ARG C 100 21.63 19.01 16.77
C ARG C 100 20.64 19.23 15.63
N MET C 101 20.25 18.18 14.88
CA MET C 101 19.23 18.27 13.84
C MET C 101 17.94 17.55 14.18
N ASP C 102 17.87 16.87 15.32
CA ASP C 102 16.75 16.00 15.67
C ASP C 102 16.63 14.80 14.72
N TYR C 103 17.77 14.24 14.31
CA TYR C 103 17.75 12.97 13.60
C TYR C 103 17.69 11.83 14.61
N TRP C 104 16.78 10.89 14.38
CA TRP C 104 16.58 9.75 15.25
C TRP C 104 16.40 8.50 14.40
N GLY C 105 16.96 7.40 14.84
CA GLY C 105 16.62 6.13 14.26
C GLY C 105 15.41 5.57 14.96
N GLN C 106 14.83 4.52 14.36
CA GLN C 106 13.60 3.97 14.92
C GLN C 106 13.80 3.34 16.28
N GLY C 107 15.05 3.07 16.69
CA GLY C 107 15.34 2.27 17.88
C GLY C 107 15.49 0.78 17.60
N THR C 108 16.44 0.12 18.27
CA THR C 108 16.55 -1.33 18.20
C THR C 108 16.10 -1.92 19.53
N SER C 109 15.22 -2.94 19.46
CA SER C 109 14.81 -3.72 20.62
C SER C 109 15.82 -4.84 20.84
N VAL C 110 16.53 -4.79 21.96
CA VAL C 110 17.47 -5.84 22.35
C VAL C 110 16.78 -6.70 23.40
N THR C 111 16.82 -8.01 23.20
CA THR C 111 16.30 -8.97 24.17
C THR C 111 17.45 -9.87 24.58
N VAL C 112 17.88 -9.73 25.83
CA VAL C 112 18.89 -10.59 26.40
C VAL C 112 18.12 -11.77 26.98
N SER C 113 18.33 -12.95 26.41
CA SER C 113 17.59 -14.12 26.86
C SER C 113 18.30 -15.37 26.38
N SER C 114 18.34 -16.38 27.24
CA SER C 114 18.80 -17.70 26.82
C SER C 114 17.70 -18.52 26.18
N ALA C 115 16.49 -17.96 26.03
CA ALA C 115 15.39 -18.69 25.43
C ALA C 115 15.64 -18.92 23.95
N LYS C 116 15.12 -20.03 23.46
CA LYS C 116 15.32 -20.49 22.09
C LYS C 116 14.13 -20.06 21.23
N THR C 117 14.41 -19.75 19.97
CA THR C 117 13.36 -19.36 19.03
C THR C 117 12.23 -20.38 19.03
N THR C 118 11.00 -19.88 19.10
CA THR C 118 9.84 -20.77 19.07
C THR C 118 8.81 -20.20 18.11
N ALA C 119 8.23 -21.07 17.31
CA ALA C 119 7.17 -20.65 16.41
C ALA C 119 5.82 -20.60 17.15
N PRO C 120 4.96 -19.63 16.82
CA PRO C 120 3.72 -19.49 17.56
C PRO C 120 2.66 -20.45 17.05
N SER C 121 1.72 -20.75 17.94
CA SER C 121 0.43 -21.30 17.59
C SER C 121 -0.55 -20.15 17.43
N VAL C 122 -1.44 -20.28 16.44
CA VAL C 122 -2.40 -19.25 16.11
C VAL C 122 -3.78 -19.88 16.14
N TYR C 123 -4.68 -19.30 16.94
CA TYR C 123 -5.99 -19.84 17.11
C TYR C 123 -7.03 -18.83 16.66
N PRO C 124 -7.99 -19.24 15.84
CA PRO C 124 -9.09 -18.34 15.46
C PRO C 124 -10.10 -18.24 16.59
N LEU C 125 -10.70 -17.06 16.70
CA LEU C 125 -11.65 -16.78 17.78
C LEU C 125 -12.97 -16.32 17.18
N ALA C 126 -13.95 -17.20 17.16
CA ALA C 126 -15.31 -16.97 16.72
C ALA C 126 -16.20 -16.72 17.93
N PRO C 127 -17.35 -16.07 17.76
CA PRO C 127 -18.20 -15.77 18.92
C PRO C 127 -18.94 -17.01 19.40
N VAL C 128 -19.52 -16.88 20.60
CA VAL C 128 -20.32 -17.96 21.19
C VAL C 128 -21.39 -18.41 20.20
N CYS C 129 -21.56 -19.74 20.09
CA CYS C 129 -22.44 -20.32 19.07
C CYS C 129 -23.90 -19.93 19.21
N GLY C 130 -24.28 -19.29 20.32
CA GLY C 130 -25.64 -18.81 20.49
C GLY C 130 -25.84 -17.45 19.84
N GLY C 134 -26.74 -8.20 18.26
CA GLY C 134 -26.43 -6.80 18.07
C GLY C 134 -26.22 -6.45 16.61
N SER C 135 -25.72 -5.26 16.33
CA SER C 135 -25.37 -4.87 14.97
C SER C 135 -23.89 -5.00 14.70
N SER C 136 -23.14 -5.58 15.63
CA SER C 136 -21.70 -5.76 15.46
C SER C 136 -21.29 -7.11 16.01
N VAL C 137 -20.65 -7.88 15.20
CA VAL C 137 -19.95 -9.07 15.67
C VAL C 137 -18.51 -8.71 15.97
N THR C 138 -17.94 -9.33 16.99
CA THR C 138 -16.52 -9.20 17.30
C THR C 138 -15.81 -10.53 17.08
N LEU C 139 -14.74 -10.49 16.29
CA LEU C 139 -13.87 -11.64 16.04
C LEU C 139 -12.53 -11.40 16.69
N GLY C 140 -11.82 -12.49 16.99
CA GLY C 140 -10.50 -12.42 17.59
C GLY C 140 -9.48 -13.28 16.89
N CYS C 141 -8.23 -13.18 17.36
CA CYS C 141 -7.14 -14.01 16.88
C CYS C 141 -6.10 -14.13 17.98
N LEU C 142 -5.71 -15.37 18.27
CA LEU C 142 -4.86 -15.68 19.41
C LEU C 142 -3.53 -16.15 18.86
N VAL C 143 -2.45 -15.48 19.24
CA VAL C 143 -1.11 -15.89 18.81
C VAL C 143 -0.35 -16.29 20.06
N LYS C 144 -0.16 -17.58 20.26
CA LYS C 144 0.36 -18.08 21.52
C LYS C 144 1.71 -18.76 21.36
N GLY C 145 2.54 -18.65 22.39
CA GLY C 145 3.76 -19.44 22.52
C GLY C 145 4.88 -19.20 21.54
N TYR C 146 5.30 -17.95 21.36
CA TYR C 146 6.36 -17.64 20.41
C TYR C 146 7.47 -16.83 21.07
N PHE C 147 8.70 -17.02 20.59
CA PHE C 147 9.85 -16.23 21.04
C PHE C 147 10.92 -16.09 19.94
N PRO C 148 11.53 -14.90 19.84
CA PRO C 148 11.35 -13.67 20.63
C PRO C 148 10.30 -12.77 20.00
N GLU C 149 10.08 -11.55 20.50
CA GLU C 149 9.37 -10.55 19.69
C GLU C 149 10.18 -10.32 18.40
N PRO C 150 9.56 -9.75 17.36
CA PRO C 150 8.22 -9.22 17.09
C PRO C 150 7.31 -10.22 16.35
N VAL C 151 5.99 -10.04 16.35
CA VAL C 151 5.08 -10.74 15.43
C VAL C 151 4.21 -9.72 14.73
N THR C 152 4.10 -9.82 13.41
CA THR C 152 3.24 -8.92 12.69
C THR C 152 1.86 -9.55 12.50
N LEU C 153 0.81 -8.77 12.79
CA LEU C 153 -0.56 -9.25 12.65
C LEU C 153 -1.37 -8.26 11.84
N THR C 154 -2.18 -8.79 10.93
CA THR C 154 -3.05 -7.99 10.08
C THR C 154 -4.33 -8.77 9.84
N TRP C 155 -5.38 -8.04 9.45
CA TRP C 155 -6.68 -8.62 9.17
C TRP C 155 -7.01 -8.30 7.72
N ASN C 156 -7.38 -9.33 6.95
CA ASN C 156 -7.66 -9.16 5.53
C ASN C 156 -6.58 -8.32 4.85
N SER C 157 -5.32 -8.70 5.11
CA SER C 157 -4.13 -8.11 4.49
C SER C 157 -4.06 -6.59 4.69
N GLY C 158 -4.65 -6.09 5.79
CA GLY C 158 -4.64 -4.68 6.12
C GLY C 158 -5.93 -3.93 5.88
N SER C 159 -6.98 -4.61 5.41
CA SER C 159 -8.19 -3.93 4.96
C SER C 159 -9.14 -3.56 6.09
N LEU C 160 -9.07 -4.25 7.22
CA LEU C 160 -10.05 -4.07 8.29
C LEU C 160 -9.54 -3.15 9.40
N SER C 161 -8.56 -2.31 9.08
CA SER C 161 -7.81 -1.58 10.09
C SER C 161 -8.69 -0.69 10.94
N SER C 162 -9.80 -0.19 10.39
CA SER C 162 -10.57 0.84 11.07
C SER C 162 -11.24 0.32 12.34
N GLY C 163 -11.42 -0.99 12.47
CA GLY C 163 -12.09 -1.55 13.63
C GLY C 163 -11.30 -2.64 14.32
N VAL C 164 -9.98 -2.46 14.38
CA VAL C 164 -9.04 -3.48 14.82
C VAL C 164 -8.32 -2.99 16.05
N HIS C 165 -8.25 -3.82 17.09
CA HIS C 165 -7.40 -3.56 18.26
C HIS C 165 -6.42 -4.72 18.41
N THR C 166 -5.16 -4.50 18.01
CA THR C 166 -4.10 -5.45 18.32
C THR C 166 -3.45 -5.04 19.63
N PHE C 167 -3.26 -6.00 20.54
CA PHE C 167 -2.80 -5.68 21.89
C PHE C 167 -1.31 -5.94 22.06
N PRO C 168 -0.65 -5.23 22.97
CA PRO C 168 0.77 -5.46 23.22
C PRO C 168 1.03 -6.91 23.57
N ALA C 169 2.13 -7.43 23.05
CA ALA C 169 2.59 -8.74 23.47
C ALA C 169 3.09 -8.65 24.90
N VAL C 170 2.67 -9.60 25.73
CA VAL C 170 3.16 -9.69 27.10
C VAL C 170 3.87 -11.03 27.28
N LEU C 171 5.09 -10.97 27.82
CA LEU C 171 5.92 -12.13 28.02
C LEU C 171 5.50 -12.84 29.29
N GLN C 172 5.67 -14.17 29.30
CA GLN C 172 5.38 -14.96 30.51
C GLN C 172 6.16 -16.27 30.37
N SER C 173 7.33 -16.34 31.04
CA SER C 173 8.27 -17.48 31.00
C SER C 173 8.86 -17.67 29.61
N ASP C 174 9.38 -16.58 29.05
CA ASP C 174 10.17 -16.60 27.82
C ASP C 174 9.40 -17.15 26.62
N LEU C 175 8.09 -17.19 26.73
CA LEU C 175 7.18 -17.30 25.61
C LEU C 175 6.28 -16.06 25.63
N TYR C 176 6.06 -15.47 24.45
CA TYR C 176 5.20 -14.30 24.34
C TYR C 176 3.78 -14.71 23.96
N THR C 177 2.82 -13.84 24.30
CA THR C 177 1.41 -14.01 23.93
C THR C 177 0.83 -12.72 23.37
N LEU C 178 -0.02 -12.87 22.36
CA LEU C 178 -0.54 -11.72 21.65
C LEU C 178 -1.95 -12.02 21.16
N SER C 179 -2.87 -11.07 21.40
CA SER C 179 -4.26 -11.16 20.98
C SER C 179 -4.63 -9.92 20.18
N SER C 180 -5.61 -10.07 19.31
CA SER C 180 -6.10 -8.95 18.53
C SER C 180 -7.59 -9.17 18.27
N SER C 181 -8.35 -8.07 18.25
CA SER C 181 -9.78 -8.13 18.00
C SER C 181 -10.12 -7.27 16.80
N VAL C 182 -11.23 -7.63 16.14
CA VAL C 182 -11.82 -6.86 15.05
C VAL C 182 -13.35 -6.92 15.23
N THR C 183 -14.00 -5.77 15.10
CA THR C 183 -15.46 -5.69 15.13
C THR C 183 -15.96 -5.16 13.79
N VAL C 184 -17.07 -5.72 13.33
CA VAL C 184 -17.66 -5.35 12.04
C VAL C 184 -19.17 -5.42 12.18
N THR C 185 -19.89 -4.90 11.18
CA THR C 185 -21.34 -5.03 11.20
C THR C 185 -21.73 -6.47 10.84
N SER C 186 -22.79 -6.97 11.51
CA SER C 186 -23.20 -8.35 11.36
C SER C 186 -23.52 -8.72 9.90
N SER C 187 -23.74 -7.71 9.05
CA SER C 187 -23.84 -7.94 7.62
C SER C 187 -22.55 -8.51 7.06
N THR C 188 -21.41 -7.95 7.48
CA THR C 188 -20.12 -8.29 6.88
C THR C 188 -19.71 -9.73 7.14
N TRP C 189 -20.05 -10.27 8.30
CA TRP C 189 -19.59 -11.60 8.66
C TRP C 189 -20.71 -12.48 9.19
N PRO C 190 -20.68 -13.78 8.86
CA PRO C 190 -19.72 -14.49 7.99
C PRO C 190 -19.92 -14.30 6.51
N SER C 191 -20.80 -13.37 6.11
CA SER C 191 -21.03 -13.12 4.69
C SER C 191 -19.72 -13.06 3.93
N GLN C 192 -18.87 -12.09 4.28
CA GLN C 192 -17.53 -11.96 3.71
C GLN C 192 -16.53 -12.64 4.63
N SER C 193 -15.52 -13.27 4.03
CA SER C 193 -14.52 -13.98 4.82
C SER C 193 -13.61 -12.99 5.57
N ILE C 194 -13.45 -13.18 6.86
CA ILE C 194 -12.54 -12.38 7.65
C ILE C 194 -11.39 -13.29 8.06
N THR C 195 -10.16 -12.79 7.94
CA THR C 195 -8.98 -13.63 8.04
C THR C 195 -7.87 -12.92 8.79
N CYS C 196 -7.28 -13.63 9.74
CA CYS C 196 -6.16 -13.17 10.56
C CYS C 196 -4.85 -13.63 9.91
N ASN C 197 -3.96 -12.68 9.60
CA ASN C 197 -2.66 -12.96 9.00
C ASN C 197 -1.56 -12.76 10.03
N VAL C 198 -0.83 -13.84 10.34
CA VAL C 198 0.22 -13.80 11.34
C VAL C 198 1.56 -14.13 10.69
N ALA C 199 2.60 -13.36 11.02
CA ALA C 199 3.97 -13.66 10.58
C ALA C 199 4.96 -13.50 11.72
N HIS C 200 5.87 -14.46 11.85
CA HIS C 200 6.91 -14.48 12.88
C HIS C 200 8.21 -14.80 12.15
N PRO C 201 8.92 -13.78 11.67
CA PRO C 201 10.07 -14.05 10.78
C PRO C 201 11.18 -14.85 11.42
N ALA C 202 11.30 -14.82 12.75
CA ALA C 202 12.41 -15.52 13.41
C ALA C 202 12.31 -17.03 13.25
N SER C 203 11.10 -17.56 13.25
CA SER C 203 10.88 -18.99 13.08
C SER C 203 10.38 -19.34 11.69
N SER C 204 10.49 -18.41 10.75
CA SER C 204 9.99 -18.58 9.38
C SER C 204 8.54 -19.08 9.39
N THR C 205 7.68 -18.40 10.14
CA THR C 205 6.30 -18.79 10.30
C THR C 205 5.42 -17.71 9.70
N LYS C 206 4.60 -18.09 8.72
CA LYS C 206 3.62 -17.18 8.12
C LYS C 206 2.31 -17.96 8.02
N VAL C 207 1.33 -17.59 8.85
CA VAL C 207 0.08 -18.31 8.96
C VAL C 207 -1.06 -17.38 8.55
N ASP C 208 -2.11 -17.96 7.94
CA ASP C 208 -3.40 -17.30 7.76
C ASP C 208 -4.46 -18.12 8.44
N LYS C 209 -5.46 -17.45 9.00
CA LYS C 209 -6.47 -18.13 9.83
C LYS C 209 -7.83 -17.50 9.55
N LYS C 210 -8.62 -18.17 8.69
CA LYS C 210 -9.98 -17.74 8.39
C LYS C 210 -10.89 -18.02 9.58
N ILE C 211 -11.56 -16.98 10.07
CA ILE C 211 -12.45 -17.11 11.23
C ILE C 211 -13.79 -17.67 10.75
N GLU C 212 -14.11 -18.92 11.20
CA GLU C 212 -15.33 -19.64 10.83
C GLU C 212 -16.29 -19.72 12.02
N PRO C 213 -17.60 -19.59 11.82
CA PRO C 213 -18.51 -19.71 12.96
C PRO C 213 -18.50 -21.12 13.53
N ARG C 214 -18.92 -21.20 14.79
CA ARG C 214 -18.78 -22.41 15.59
C ARG C 214 -19.90 -23.41 15.29
N GLY C 215 -19.51 -24.68 15.11
CA GLY C 215 -20.46 -25.73 14.81
C GLY C 215 -19.98 -27.13 15.20
N ASP D 1 25.23 13.69 38.98
CA ASP D 1 24.69 14.37 37.81
C ASP D 1 23.49 15.23 38.11
N VAL D 2 22.96 15.83 37.07
CA VAL D 2 21.76 16.64 37.18
C VAL D 2 20.55 15.72 37.22
N VAL D 3 19.71 15.92 38.22
CA VAL D 3 18.40 15.28 38.32
C VAL D 3 17.35 16.25 37.78
N MET D 4 16.52 15.76 36.85
CA MET D 4 15.37 16.48 36.32
C MET D 4 14.08 15.89 36.85
N THR D 5 13.28 16.73 37.53
CA THR D 5 12.04 16.32 38.19
C THR D 5 10.84 16.81 37.38
N GLN D 6 10.26 15.93 36.56
CA GLN D 6 9.08 16.28 35.79
C GLN D 6 7.81 16.04 36.59
N THR D 7 6.97 17.07 36.65
CA THR D 7 5.66 16.98 37.27
C THR D 7 4.61 17.40 36.23
N PRO D 8 3.43 16.79 36.20
CA PRO D 8 2.71 15.83 37.05
C PRO D 8 2.82 14.34 36.74
N LEU D 9 3.68 13.93 35.81
CA LEU D 9 3.82 12.53 35.40
C LEU D 9 2.61 12.08 34.59
N SER D 10 1.39 12.41 35.02
CA SER D 10 0.22 12.20 34.17
C SER D 10 -0.62 13.46 34.16
N LEU D 11 -0.92 13.94 32.96
CA LEU D 11 -1.68 15.17 32.74
C LEU D 11 -2.96 14.87 31.96
N PRO D 12 -4.14 14.88 32.60
CA PRO D 12 -5.40 14.83 31.82
C PRO D 12 -5.89 16.22 31.44
N VAL D 13 -6.14 16.45 30.16
CA VAL D 13 -6.51 17.77 29.68
C VAL D 13 -7.61 17.63 28.62
N SER D 14 -8.69 18.41 28.78
CA SER D 14 -9.80 18.41 27.82
C SER D 14 -9.37 18.92 26.45
N LEU D 15 -9.86 18.27 25.40
CA LEU D 15 -9.59 18.76 24.07
C LEU D 15 -10.05 20.21 23.99
N GLY D 16 -9.15 21.11 23.63
CA GLY D 16 -9.41 22.54 23.55
C GLY D 16 -8.67 23.38 24.58
N ASP D 17 -8.27 22.78 25.71
CA ASP D 17 -7.74 23.53 26.84
C ASP D 17 -6.21 23.70 26.77
N GLN D 18 -5.63 24.19 27.86
CA GLN D 18 -4.19 24.39 27.90
C GLN D 18 -3.53 23.33 28.76
N ALA D 19 -2.25 23.13 28.50
CA ALA D 19 -1.44 22.16 29.21
C ALA D 19 -0.13 22.83 29.63
N SER D 20 0.30 22.52 30.84
CA SER D 20 1.58 22.96 31.36
C SER D 20 2.26 21.78 32.02
N ILE D 21 3.43 21.40 31.50
CA ILE D 21 4.32 20.48 32.19
C ILE D 21 5.43 21.28 32.85
N SER D 22 5.81 20.87 34.06
CA SER D 22 6.91 21.48 34.79
C SER D 22 8.11 20.55 34.78
N CYS D 23 9.30 21.15 34.89
CA CYS D 23 10.56 20.38 34.94
C CYS D 23 11.52 21.12 35.85
N ARG D 24 12.00 20.45 36.89
CA ARG D 24 12.83 21.07 37.92
C ARG D 24 14.17 20.35 38.03
N SER D 25 15.27 21.10 37.87
CA SER D 25 16.63 20.61 37.98
C SER D 25 17.22 20.84 39.37
N SER D 26 18.29 20.12 39.67
CA SER D 26 18.99 20.23 40.94
C SER D 26 20.18 21.18 40.91
N GLN D 27 20.65 21.56 39.73
CA GLN D 27 21.73 22.53 39.58
C GLN D 27 21.41 23.45 38.42
N SER D 28 22.07 24.61 38.40
CA SER D 28 21.86 25.55 37.31
C SER D 28 22.26 24.91 35.98
N LEU D 29 21.73 25.44 34.88
CA LEU D 29 22.02 24.87 33.57
C LEU D 29 22.50 25.93 32.61
N ILE D 30 23.27 26.90 33.10
CA ILE D 30 24.00 27.78 32.18
C ILE D 30 25.28 27.08 31.73
N TYR D 31 25.63 27.24 30.46
CA TYR D 31 26.78 26.60 29.84
C TYR D 31 27.81 27.67 29.46
N SER D 32 29.03 27.20 29.16
CA SER D 32 30.18 28.09 29.01
C SER D 32 29.95 29.22 28.01
N ASN D 33 29.02 29.03 27.06
CA ASN D 33 28.73 30.07 26.08
C ASN D 33 27.60 31.00 26.53
N GLY D 34 27.12 30.83 27.75
CA GLY D 34 26.06 31.65 28.28
C GLY D 34 24.67 31.15 27.98
N ASN D 35 24.54 30.11 27.17
CA ASN D 35 23.25 29.55 26.79
C ASN D 35 22.82 28.45 27.76
N THR D 36 21.52 28.22 27.83
CA THR D 36 20.90 27.27 28.77
C THR D 36 20.31 26.14 27.94
N TYR D 37 20.96 24.98 27.93
CA TYR D 37 20.55 23.92 27.01
C TYR D 37 19.53 23.00 27.71
N LEU D 38 18.29 23.47 27.78
CA LEU D 38 17.17 22.63 28.21
C LEU D 38 16.16 22.49 27.09
N HIS D 39 15.85 21.25 26.74
CA HIS D 39 14.99 20.95 25.60
C HIS D 39 13.75 20.20 26.08
N TRP D 40 12.74 20.17 25.21
CA TRP D 40 11.47 19.50 25.48
C TRP D 40 11.17 18.54 24.34
N TYR D 41 10.86 17.29 24.68
CA TYR D 41 10.62 16.23 23.70
C TYR D 41 9.21 15.66 23.85
N LEU D 42 8.61 15.29 22.72
CA LEU D 42 7.35 14.56 22.70
C LEU D 42 7.58 13.22 22.03
N GLN D 43 7.46 12.14 22.79
CA GLN D 43 7.42 10.80 22.21
C GLN D 43 5.98 10.38 22.02
N LYS D 44 5.51 10.45 20.77
CA LYS D 44 4.26 9.76 20.44
C LYS D 44 4.49 8.26 20.53
N PRO D 45 3.48 7.50 20.95
CA PRO D 45 3.69 6.09 21.27
C PRO D 45 4.04 5.27 20.04
N GLY D 46 4.89 4.26 20.25
CA GLY D 46 5.47 3.48 19.16
C GLY D 46 6.67 4.12 18.49
N GLN D 47 6.59 5.42 18.21
CA GLN D 47 7.62 6.14 17.48
C GLN D 47 8.77 6.51 18.41
N SER D 48 9.65 7.37 17.94
CA SER D 48 10.80 7.88 18.67
C SER D 48 10.56 9.33 19.05
N PRO D 49 11.31 9.86 20.03
CA PRO D 49 11.01 11.22 20.50
C PRO D 49 11.29 12.26 19.44
N LYS D 50 10.56 13.36 19.54
CA LYS D 50 10.69 14.50 18.65
C LYS D 50 10.98 15.72 19.49
N LEU D 51 11.71 16.65 18.91
CA LEU D 51 12.16 17.83 19.64
C LEU D 51 11.18 18.95 19.37
N LEU D 52 10.57 19.48 20.42
CA LEU D 52 9.58 20.54 20.32
C LEU D 52 10.20 21.91 20.57
N ILE D 53 10.85 22.08 21.72
CA ILE D 53 11.43 23.35 22.13
C ILE D 53 12.88 23.08 22.53
N TYR D 54 13.81 23.83 21.94
CA TYR D 54 15.21 23.78 22.34
C TYR D 54 15.62 25.11 22.97
N LYS D 55 16.52 25.01 23.96
CA LYS D 55 17.08 26.16 24.68
C LYS D 55 15.97 27.01 25.31
N VAL D 56 15.09 26.33 26.08
CA VAL D 56 14.11 26.94 26.97
C VAL D 56 12.86 27.42 26.24
N SER D 57 13.06 28.24 25.20
CA SER D 57 11.95 28.92 24.55
C SER D 57 11.91 28.78 23.05
N ASN D 58 13.00 28.42 22.40
CA ASN D 58 13.02 28.40 20.94
C ASN D 58 12.21 27.22 20.41
N ARG D 59 11.28 27.52 19.51
CA ARG D 59 10.43 26.50 18.92
C ARG D 59 11.17 25.87 17.74
N PHE D 60 11.38 24.55 17.79
CA PHE D 60 12.05 23.86 16.69
C PHE D 60 11.27 24.02 15.40
N SER D 61 11.99 24.32 14.31
CA SER D 61 11.34 24.54 13.03
C SER D 61 10.55 23.32 12.60
N GLY D 62 9.28 23.53 12.26
CA GLY D 62 8.37 22.44 11.99
C GLY D 62 7.53 21.99 13.17
N VAL D 63 7.50 22.77 14.25
CA VAL D 63 6.71 22.44 15.45
C VAL D 63 5.54 23.42 15.48
N PRO D 64 4.34 22.96 15.78
CA PRO D 64 3.18 23.85 15.75
C PRO D 64 3.31 24.93 16.80
N ASP D 65 2.77 26.11 16.46
CA ASP D 65 2.94 27.29 17.31
C ASP D 65 2.12 27.25 18.60
N ARG D 66 1.30 26.24 18.83
CA ARG D 66 0.56 26.14 20.08
C ARG D 66 1.44 25.65 21.23
N PHE D 67 2.70 25.28 20.94
CA PHE D 67 3.69 24.88 21.94
C PHE D 67 4.63 26.03 22.23
N SER D 68 4.96 26.20 23.49
CA SER D 68 5.92 27.24 23.86
C SER D 68 6.60 26.82 25.15
N GLY D 69 7.77 27.40 25.38
CA GLY D 69 8.53 27.10 26.57
C GLY D 69 9.05 28.38 27.18
N SER D 70 9.25 28.34 28.49
CA SER D 70 9.66 29.53 29.21
C SER D 70 10.39 29.09 30.49
N GLY D 71 10.83 30.06 31.25
CA GLY D 71 11.39 29.85 32.57
C GLY D 71 12.90 30.01 32.58
N SER D 72 13.44 30.15 33.79
CA SER D 72 14.90 30.12 33.97
C SER D 72 15.23 30.06 35.44
N GLY D 73 16.46 29.67 35.72
CA GLY D 73 16.90 29.31 37.04
C GLY D 73 16.96 27.81 37.18
N THR D 74 16.08 27.28 38.01
CA THR D 74 15.88 25.84 38.12
C THR D 74 14.49 25.43 37.66
N ASP D 75 13.64 26.39 37.28
CA ASP D 75 12.25 26.15 36.93
C ASP D 75 12.03 26.40 35.45
N PHE D 76 11.47 25.40 34.76
CA PHE D 76 11.22 25.46 33.33
C PHE D 76 9.82 24.94 33.03
N THR D 77 9.14 25.53 32.06
CA THR D 77 7.75 25.19 31.81
C THR D 77 7.49 25.02 30.32
N LEU D 78 6.88 23.89 29.94
CA LEU D 78 6.40 23.67 28.58
C LEU D 78 4.90 23.85 28.53
N LYS D 79 4.43 24.74 27.67
CA LYS D 79 3.03 25.13 27.60
C LYS D 79 2.41 24.68 26.28
N ILE D 80 1.29 23.99 26.35
CA ILE D 80 0.46 23.72 25.18
C ILE D 80 -0.79 24.57 25.29
N SER D 81 -1.01 25.48 24.35
CA SER D 81 -2.00 26.52 24.52
C SER D 81 -3.41 26.05 24.19
N ARG D 82 -3.55 25.09 23.29
CA ARG D 82 -4.87 24.62 22.88
C ARG D 82 -4.70 23.15 22.47
N VAL D 83 -4.77 22.26 23.47
CA VAL D 83 -4.44 20.85 23.25
C VAL D 83 -5.28 20.27 22.13
N GLU D 84 -4.62 19.67 21.15
CA GLU D 84 -5.28 18.99 20.06
C GLU D 84 -5.22 17.48 20.29
N ALA D 85 -5.80 16.72 19.35
CA ALA D 85 -5.91 15.28 19.54
C ALA D 85 -4.58 14.56 19.35
N GLU D 86 -3.69 15.10 18.51
CA GLU D 86 -2.39 14.52 18.21
C GLU D 86 -1.32 14.87 19.23
N ASP D 87 -1.58 15.84 20.10
CA ASP D 87 -0.67 16.20 21.18
C ASP D 87 -0.54 15.10 22.23
N LEU D 88 -1.38 14.08 22.15
CA LEU D 88 -1.24 12.93 23.03
C LEU D 88 0.13 12.27 22.89
N GLY D 89 0.73 11.94 24.02
CA GLY D 89 2.01 11.27 24.04
C GLY D 89 2.68 11.44 25.38
N VAL D 90 3.97 11.13 25.41
CA VAL D 90 4.79 11.30 26.60
C VAL D 90 5.77 12.44 26.34
N TYR D 91 5.86 13.38 27.27
CA TYR D 91 6.66 14.58 27.12
C TYR D 91 7.87 14.53 28.04
N PHE D 92 9.06 14.75 27.47
CA PHE D 92 10.31 14.76 28.22
C PHE D 92 10.94 16.14 28.17
N CYS D 93 11.43 16.63 29.31
CA CYS D 93 12.46 17.65 29.24
C CYS D 93 13.83 16.97 29.19
N SER D 94 14.82 17.71 28.71
CA SER D 94 16.18 17.19 28.71
C SER D 94 17.12 18.35 28.95
N GLN D 95 18.20 18.05 29.66
CA GLN D 95 19.29 18.99 29.92
C GLN D 95 20.50 18.57 29.09
N ASN D 96 21.11 19.52 28.41
CA ASN D 96 22.31 19.18 27.65
C ASN D 96 23.49 20.07 28.02
N THR D 97 23.53 20.59 29.25
CA THR D 97 24.62 21.48 29.63
C THR D 97 25.71 20.81 30.46
N HIS D 98 25.42 19.67 31.08
CA HIS D 98 26.39 18.90 31.86
C HIS D 98 26.48 17.46 31.37
N ILE D 99 27.69 16.90 31.42
CA ILE D 99 27.86 15.49 31.13
C ILE D 99 27.75 14.73 32.44
N PRO D 100 26.91 13.69 32.49
CA PRO D 100 26.12 13.12 31.39
C PRO D 100 24.79 13.82 31.17
N TYR D 101 24.32 13.83 29.92
CA TYR D 101 22.96 14.29 29.66
C TYR D 101 21.97 13.48 30.48
N THR D 102 21.07 14.18 31.16
CA THR D 102 19.98 13.52 31.88
C THR D 102 18.64 14.00 31.35
N PHE D 103 17.65 13.10 31.39
CA PHE D 103 16.27 13.38 31.01
C PHE D 103 15.38 13.39 32.25
N GLY D 104 14.27 14.12 32.18
CA GLY D 104 13.22 13.97 33.16
C GLY D 104 12.41 12.70 32.92
N GLY D 105 11.73 12.23 33.97
CA GLY D 105 10.96 11.00 33.86
C GLY D 105 9.78 11.08 32.90
N GLY D 106 9.40 12.27 32.46
CA GLY D 106 8.31 12.33 31.53
C GLY D 106 6.96 12.61 32.19
N THR D 107 6.07 13.22 31.41
CA THR D 107 4.66 13.36 31.76
C THR D 107 3.83 12.83 30.60
N LYS D 108 2.83 12.00 30.89
CA LYS D 108 1.97 11.41 29.87
C LYS D 108 0.70 12.25 29.72
N LEU D 109 0.56 12.93 28.59
CA LEU D 109 -0.65 13.67 28.28
C LEU D 109 -1.77 12.69 27.96
N GLU D 110 -2.94 12.93 28.54
CA GLU D 110 -4.12 12.11 28.31
C GLU D 110 -5.25 13.05 27.90
N ILE D 111 -5.79 12.86 26.71
CA ILE D 111 -6.95 13.66 26.33
C ILE D 111 -8.16 13.19 27.13
N LYS D 112 -8.73 14.10 27.92
CA LYS D 112 -9.91 13.83 28.72
C LYS D 112 -11.14 13.91 27.83
N ARG D 113 -11.89 12.81 27.76
CA ARG D 113 -13.07 12.70 26.94
C ARG D 113 -14.24 12.16 27.77
N ALA D 114 -15.43 12.18 27.19
CA ALA D 114 -16.61 11.70 27.90
C ALA D 114 -16.48 10.22 28.20
N ASP D 115 -17.09 9.81 29.33
CA ASP D 115 -16.98 8.43 29.77
C ASP D 115 -17.60 7.47 28.76
N ALA D 116 -16.98 6.29 28.61
CA ALA D 116 -17.52 5.23 27.78
C ALA D 116 -17.42 3.91 28.54
N ALA D 117 -18.41 3.06 28.37
CA ALA D 117 -18.27 1.77 29.03
C ALA D 117 -17.62 0.76 28.08
N PRO D 118 -16.94 -0.26 28.59
CA PRO D 118 -16.31 -1.23 27.69
C PRO D 118 -17.34 -2.08 26.95
N THR D 119 -17.18 -2.19 25.64
CA THR D 119 -17.81 -3.28 24.88
C THR D 119 -17.07 -4.57 25.19
N VAL D 120 -17.78 -5.52 25.76
CA VAL D 120 -17.18 -6.69 26.39
C VAL D 120 -17.60 -7.94 25.62
N SER D 121 -16.61 -8.69 25.14
CA SER D 121 -16.81 -9.94 24.41
C SER D 121 -15.91 -11.02 25.00
N ILE D 122 -16.51 -12.19 25.23
CA ILE D 122 -15.82 -13.35 25.76
C ILE D 122 -15.74 -14.41 24.66
N PHE D 123 -14.68 -15.23 24.70
CA PHE D 123 -14.42 -16.20 23.63
C PHE D 123 -14.04 -17.57 24.18
N PRO D 124 -14.76 -18.63 23.84
CA PRO D 124 -14.39 -19.96 24.32
C PRO D 124 -13.14 -20.46 23.62
N PRO D 125 -12.48 -21.46 24.19
CA PRO D 125 -11.40 -22.17 23.48
C PRO D 125 -11.76 -22.52 22.04
N SER D 126 -10.85 -22.17 21.13
CA SER D 126 -10.95 -22.67 19.76
C SER D 126 -10.91 -24.20 19.74
N SER D 127 -11.61 -24.78 18.76
CA SER D 127 -11.52 -26.22 18.53
C SER D 127 -10.06 -26.67 18.42
N GLU D 128 -9.26 -25.94 17.62
CA GLU D 128 -7.92 -26.40 17.27
C GLU D 128 -6.99 -26.48 18.49
N GLN D 129 -7.20 -25.61 19.48
CA GLN D 129 -6.32 -25.68 20.64
C GLN D 129 -6.77 -26.78 21.59
N LEU D 130 -8.06 -27.12 21.56
CA LEU D 130 -8.56 -28.19 22.44
C LEU D 130 -8.09 -29.55 21.94
N THR D 131 -8.06 -29.76 20.64
CA THR D 131 -7.51 -31.03 20.15
C THR D 131 -5.98 -31.13 20.37
N SER D 132 -5.44 -30.13 21.05
CA SER D 132 -4.01 -30.03 21.35
C SER D 132 -3.73 -29.97 22.84
N GLY D 133 -4.77 -30.08 23.68
CA GLY D 133 -4.59 -30.27 25.10
C GLY D 133 -4.73 -29.02 25.95
N GLY D 134 -4.90 -27.84 25.34
CA GLY D 134 -5.04 -26.60 26.09
C GLY D 134 -6.36 -25.89 25.88
N ALA D 135 -6.67 -24.91 26.72
CA ALA D 135 -7.94 -24.20 26.62
C ALA D 135 -7.74 -22.80 27.15
N SER D 136 -7.83 -21.82 26.26
CA SER D 136 -7.77 -20.42 26.62
C SER D 136 -9.13 -19.78 26.40
N VAL D 137 -9.59 -18.98 27.36
CA VAL D 137 -10.76 -18.13 27.19
C VAL D 137 -10.28 -16.69 27.12
N VAL D 138 -10.74 -15.96 26.11
CA VAL D 138 -10.31 -14.59 25.86
C VAL D 138 -11.45 -13.63 26.17
N CYS D 139 -11.11 -12.49 26.75
CA CYS D 139 -12.09 -11.46 27.05
C CYS D 139 -11.60 -10.10 26.59
N PHE D 140 -12.22 -9.53 25.56
CA PHE D 140 -11.90 -8.18 25.10
C PHE D 140 -12.79 -7.15 25.79
N LEU D 141 -12.17 -6.10 26.31
CA LEU D 141 -12.88 -4.99 26.95
C LEU D 141 -12.50 -3.75 26.12
N ASN D 142 -13.36 -3.35 25.18
CA ASN D 142 -12.95 -2.42 24.14
C ASN D 142 -13.64 -1.06 24.24
N ASN D 143 -12.85 -0.01 23.97
CA ASN D 143 -13.29 1.37 23.82
C ASN D 143 -14.04 1.84 25.08
N PHE D 144 -13.26 2.09 26.13
CA PHE D 144 -13.77 2.64 27.36
C PHE D 144 -12.91 3.82 27.81
N TYR D 145 -13.48 4.62 28.69
CA TYR D 145 -12.74 5.70 29.33
C TYR D 145 -13.49 5.97 30.65
N PRO D 146 -12.78 6.33 31.72
CA PRO D 146 -11.36 6.61 31.88
C PRO D 146 -10.50 5.36 31.88
N LYS D 147 -9.21 5.53 32.15
CA LYS D 147 -8.24 4.48 31.90
C LYS D 147 -8.46 3.27 32.79
N ASP D 148 -8.68 3.47 34.09
CA ASP D 148 -8.63 2.29 34.96
C ASP D 148 -9.88 1.43 34.80
N ILE D 149 -9.70 0.15 35.13
CA ILE D 149 -10.69 -0.89 34.89
C ILE D 149 -10.12 -2.17 35.49
N ASN D 150 -10.97 -3.03 36.04
CA ASN D 150 -10.50 -4.28 36.61
C ASN D 150 -11.33 -5.42 36.05
N VAL D 151 -10.66 -6.45 35.54
CA VAL D 151 -11.33 -7.69 35.17
C VAL D 151 -11.15 -8.68 36.30
N LYS D 152 -12.12 -9.57 36.45
CA LYS D 152 -11.90 -10.77 37.24
C LYS D 152 -12.66 -11.91 36.57
N TRP D 153 -12.04 -13.07 36.56
CA TRP D 153 -12.64 -14.25 35.99
C TRP D 153 -13.39 -15.01 37.07
N LYS D 154 -14.55 -15.56 36.71
CA LYS D 154 -15.18 -16.58 37.53
C LYS D 154 -15.47 -17.84 36.72
N ILE D 155 -15.24 -18.98 37.36
CA ILE D 155 -15.58 -20.30 36.86
C ILE D 155 -16.51 -20.94 37.88
N ASP D 156 -17.70 -21.42 37.42
CA ASP D 156 -18.69 -22.18 38.23
C ASP D 156 -19.01 -21.49 39.56
N GLY D 157 -18.86 -20.17 39.50
CA GLY D 157 -19.33 -19.24 40.50
C GLY D 157 -18.14 -18.43 40.96
N SER D 158 -17.16 -19.17 41.47
CA SER D 158 -16.07 -18.64 42.26
C SER D 158 -14.99 -18.01 41.38
N GLU D 159 -14.32 -17.03 41.95
CA GLU D 159 -13.32 -16.26 41.22
C GLU D 159 -12.13 -17.13 40.88
N ARG D 160 -11.49 -16.81 39.78
CA ARG D 160 -10.26 -17.48 39.39
C ARG D 160 -9.23 -16.40 39.14
N GLN D 161 -8.01 -16.59 39.65
CA GLN D 161 -6.99 -15.58 39.43
C GLN D 161 -5.69 -16.20 38.96
N ASN D 162 -5.37 -17.39 39.43
CA ASN D 162 -4.14 -18.05 39.00
C ASN D 162 -4.29 -18.48 37.54
N GLY D 163 -3.41 -17.97 36.69
CA GLY D 163 -3.40 -18.36 35.28
C GLY D 163 -3.89 -17.33 34.29
N VAL D 164 -4.12 -16.08 34.72
CA VAL D 164 -4.65 -15.01 33.88
C VAL D 164 -3.52 -14.16 33.30
N LEU D 165 -3.69 -13.70 32.07
CA LEU D 165 -2.70 -12.84 31.43
C LEU D 165 -3.40 -11.66 30.76
N ASN D 166 -3.07 -10.45 31.20
CA ASN D 166 -3.76 -9.23 30.76
C ASN D 166 -2.85 -8.36 29.89
N SER D 167 -3.49 -7.55 29.04
CA SER D 167 -2.79 -6.61 28.18
C SER D 167 -3.62 -5.36 27.98
N TRP D 168 -2.95 -4.21 27.86
CA TRP D 168 -3.58 -2.91 27.78
C TRP D 168 -3.01 -2.11 26.61
N THR D 169 -3.87 -1.37 25.93
CA THR D 169 -3.35 -0.46 24.91
C THR D 169 -3.23 0.93 25.49
N ASP D 170 -2.43 1.75 24.81
CA ASP D 170 -2.40 3.16 25.19
C ASP D 170 -3.62 3.89 24.62
N GLN D 171 -3.84 5.12 25.08
CA GLN D 171 -4.96 5.92 24.61
C GLN D 171 -4.96 5.98 23.10
N ASP D 172 -6.00 5.41 22.50
CA ASP D 172 -6.08 5.29 21.05
C ASP D 172 -6.21 6.66 20.40
N SER D 173 -5.48 6.85 19.29
CA SER D 173 -5.36 8.13 18.61
C SER D 173 -6.63 8.56 17.90
N LYS D 174 -7.65 7.72 17.87
CA LYS D 174 -8.82 7.93 17.01
C LYS D 174 -9.97 8.58 17.78
N ASP D 175 -10.38 7.96 18.87
CA ASP D 175 -11.45 8.46 19.73
C ASP D 175 -11.03 8.65 21.18
N SER D 176 -9.73 8.56 21.45
CA SER D 176 -9.17 8.81 22.79
C SER D 176 -9.65 7.80 23.83
N THR D 177 -9.85 6.55 23.40
CA THR D 177 -10.30 5.49 24.28
C THR D 177 -9.16 4.55 24.66
N TYR D 178 -9.48 3.57 25.52
CA TYR D 178 -8.56 2.53 25.93
C TYR D 178 -9.21 1.18 25.69
N SER D 179 -8.40 0.18 25.37
CA SER D 179 -8.90 -1.19 25.38
C SER D 179 -7.96 -2.08 26.16
N MET D 180 -8.41 -3.30 26.43
CA MET D 180 -7.67 -4.28 27.22
C MET D 180 -8.14 -5.66 26.84
N SER D 181 -7.21 -6.61 26.72
CA SER D 181 -7.63 -7.99 26.56
C SER D 181 -7.17 -8.81 27.75
N SER D 182 -7.85 -9.92 27.98
CA SER D 182 -7.56 -10.80 29.11
C SER D 182 -7.82 -12.23 28.70
N THR D 183 -6.84 -13.09 28.92
CA THR D 183 -6.88 -14.49 28.55
C THR D 183 -6.62 -15.36 29.77
N LEU D 184 -7.39 -16.43 29.89
CA LEU D 184 -7.30 -17.34 31.02
C LEU D 184 -7.02 -18.72 30.45
N THR D 185 -5.79 -19.19 30.63
CA THR D 185 -5.38 -20.45 30.06
C THR D 185 -5.45 -21.55 31.11
N LEU D 186 -6.22 -22.58 30.79
CA LEU D 186 -6.35 -23.82 31.51
C LEU D 186 -5.84 -24.95 30.62
N THR D 187 -5.71 -26.12 31.23
CA THR D 187 -5.61 -27.33 30.45
C THR D 187 -7.00 -27.80 30.04
N LYS D 188 -7.04 -28.63 28.98
CA LYS D 188 -8.30 -29.22 28.58
C LYS D 188 -8.96 -29.98 29.72
N ASP D 189 -8.17 -30.69 30.53
CA ASP D 189 -8.74 -31.53 31.57
C ASP D 189 -9.33 -30.72 32.72
N GLU D 190 -8.91 -29.48 32.89
CA GLU D 190 -9.47 -28.67 33.93
C GLU D 190 -10.63 -27.85 33.41
N TYR D 191 -10.60 -27.55 32.11
CA TYR D 191 -11.65 -26.77 31.49
C TYR D 191 -12.93 -27.58 31.35
N GLU D 192 -12.82 -28.89 31.16
CA GLU D 192 -13.99 -29.73 30.99
C GLU D 192 -14.59 -30.19 32.31
N ARG D 193 -13.91 -29.92 33.43
CA ARG D 193 -14.47 -30.15 34.76
C ARG D 193 -15.33 -28.99 35.25
N HIS D 194 -15.34 -27.86 34.54
CA HIS D 194 -16.19 -26.75 34.88
C HIS D 194 -17.21 -26.49 33.79
N ASN D 195 -18.25 -25.71 34.11
CA ASN D 195 -19.31 -25.50 33.13
C ASN D 195 -19.52 -24.06 32.71
N SER D 196 -19.28 -23.10 33.59
CA SER D 196 -19.64 -21.72 33.32
C SER D 196 -18.41 -20.84 33.46
N TYR D 197 -18.15 -20.04 32.43
CA TYR D 197 -17.04 -19.11 32.42
C TYR D 197 -17.63 -17.72 32.19
N THR D 198 -17.45 -16.82 33.14
CA THR D 198 -17.76 -15.44 32.80
C THR D 198 -16.60 -14.51 33.06
N CYS D 199 -16.82 -13.30 32.58
CA CYS D 199 -15.84 -12.26 32.46
C CYS D 199 -16.53 -10.98 32.93
N GLU D 200 -16.16 -10.52 34.12
CA GLU D 200 -16.77 -9.37 34.77
C GLU D 200 -15.80 -8.19 34.80
N ALA D 201 -16.26 -7.03 34.32
CA ALA D 201 -15.49 -5.80 34.33
C ALA D 201 -16.13 -4.80 35.28
N THR D 202 -15.33 -4.28 36.18
CA THR D 202 -15.76 -3.22 37.08
C THR D 202 -15.11 -1.91 36.62
N HIS D 203 -15.96 -0.91 36.36
CA HIS D 203 -15.57 0.35 35.74
C HIS D 203 -16.47 1.40 36.36
N LYS D 204 -16.11 2.66 36.20
CA LYS D 204 -16.86 3.70 36.89
C LYS D 204 -18.06 4.21 36.11
N THR D 205 -18.25 3.75 34.88
CA THR D 205 -19.42 4.05 34.03
C THR D 205 -20.68 3.34 34.49
N SER D 206 -20.60 2.76 35.69
CA SER D 206 -21.64 1.90 36.24
C SER D 206 -21.28 1.40 37.64
N THR D 207 -22.26 1.37 38.54
CA THR D 207 -22.05 0.76 39.85
C THR D 207 -21.93 -0.76 39.73
N SER D 208 -22.63 -1.35 38.73
CA SER D 208 -22.77 -2.77 38.44
C SER D 208 -21.63 -3.27 37.56
N PRO D 209 -21.21 -4.51 37.74
CA PRO D 209 -20.27 -5.13 36.80
C PRO D 209 -20.83 -5.15 35.38
N ILE D 210 -19.93 -5.39 34.43
CA ILE D 210 -20.31 -5.83 33.10
C ILE D 210 -19.86 -7.27 32.96
N VAL D 211 -20.77 -8.13 32.53
CA VAL D 211 -20.57 -9.58 32.59
C VAL D 211 -20.91 -10.18 31.23
N LYS D 212 -19.99 -10.99 30.70
CA LYS D 212 -20.27 -11.83 29.54
C LYS D 212 -19.91 -13.28 29.84
N SER D 213 -20.90 -14.17 29.73
CA SER D 213 -20.82 -15.56 30.17
C SER D 213 -21.01 -16.51 29.00
N PHE D 214 -20.56 -17.74 29.20
CA PHE D 214 -21.00 -18.85 28.36
C PHE D 214 -20.84 -20.13 29.16
N ASN D 215 -21.63 -21.14 28.77
CA ASN D 215 -21.48 -22.50 29.25
C ASN D 215 -20.86 -23.36 28.14
N ARG D 216 -20.21 -24.47 28.52
CA ARG D 216 -19.45 -25.18 27.50
C ARG D 216 -20.31 -26.14 26.71
N ASN D 217 -19.86 -26.41 25.47
CA ASN D 217 -20.67 -27.06 24.44
C ASN D 217 -21.93 -26.25 24.22
N GLU D 218 -23.04 -26.61 24.87
CA GLU D 218 -24.22 -25.75 24.93
C GLU D 218 -24.71 -25.17 23.60
N GLN E 3 -15.02 -27.22 -43.05
CA GLN E 3 -15.18 -27.83 -41.73
C GLN E 3 -16.65 -27.80 -41.24
N LEU E 4 -17.34 -26.70 -41.52
CA LEU E 4 -18.80 -26.61 -41.35
C LEU E 4 -19.37 -26.13 -42.68
N GLN E 5 -19.87 -27.06 -43.48
CA GLN E 5 -20.37 -26.75 -44.81
C GLN E 5 -21.78 -26.16 -44.73
N GLN E 6 -22.02 -25.11 -45.50
CA GLN E 6 -23.31 -24.48 -45.61
C GLN E 6 -23.50 -23.93 -47.01
N PRO E 7 -24.70 -24.02 -47.56
CA PRO E 7 -24.98 -23.40 -48.85
C PRO E 7 -24.87 -21.88 -48.79
N GLY E 8 -24.46 -21.28 -49.90
CA GLY E 8 -24.33 -19.84 -49.97
C GLY E 8 -25.65 -19.11 -50.17
N SER E 9 -26.26 -19.29 -51.34
CA SER E 9 -27.58 -18.76 -51.62
C SER E 9 -28.61 -19.86 -51.34
N GLU E 10 -29.88 -19.55 -51.62
CA GLU E 10 -30.92 -20.55 -51.35
C GLU E 10 -32.03 -20.58 -52.40
N LEU E 11 -32.82 -19.49 -52.47
CA LEU E 11 -34.08 -19.36 -53.22
C LEU E 11 -35.26 -19.92 -52.43
N VAL E 12 -36.12 -19.07 -51.89
CA VAL E 12 -37.36 -19.54 -51.29
C VAL E 12 -38.49 -18.61 -51.72
N ARG E 13 -39.70 -19.16 -51.75
CA ARG E 13 -40.97 -18.53 -52.09
C ARG E 13 -41.73 -18.16 -50.83
N PRO E 14 -42.51 -17.07 -50.87
CA PRO E 14 -43.36 -16.73 -49.73
C PRO E 14 -44.31 -17.86 -49.38
N GLY E 15 -44.57 -18.03 -48.09
CA GLY E 15 -45.49 -19.03 -47.61
C GLY E 15 -45.00 -20.46 -47.60
N ALA E 16 -43.87 -20.75 -48.29
CA ALA E 16 -43.37 -22.11 -48.43
C ALA E 16 -42.70 -22.63 -47.16
N SER E 17 -41.76 -23.54 -47.33
CA SER E 17 -40.90 -23.95 -46.22
C SER E 17 -39.54 -24.31 -46.80
N VAL E 18 -38.51 -24.15 -45.98
CA VAL E 18 -37.14 -24.42 -46.38
C VAL E 18 -36.43 -25.19 -45.27
N LYS E 19 -35.52 -26.07 -45.69
CA LYS E 19 -34.71 -26.88 -44.80
C LYS E 19 -33.24 -26.58 -45.11
N LEU E 20 -32.54 -25.97 -44.16
CA LEU E 20 -31.16 -25.57 -44.35
C LEU E 20 -30.20 -26.58 -43.76
N SER E 21 -29.08 -26.79 -44.45
CA SER E 21 -28.13 -27.85 -44.17
C SER E 21 -26.86 -27.32 -43.50
N CYS E 22 -26.17 -28.24 -42.83
CA CYS E 22 -24.91 -27.94 -42.14
C CYS E 22 -24.17 -29.27 -41.94
N LYS E 23 -23.16 -29.51 -42.77
CA LYS E 23 -22.37 -30.75 -42.74
C LYS E 23 -21.09 -30.48 -41.96
N ALA E 24 -20.80 -31.33 -40.98
CA ALA E 24 -19.67 -31.17 -40.08
C ALA E 24 -18.58 -32.16 -40.44
N SER E 25 -17.44 -31.66 -40.90
CA SER E 25 -16.24 -32.47 -41.05
C SER E 25 -15.16 -31.99 -40.08
N GLY E 26 -14.23 -32.89 -39.76
CA GLY E 26 -13.05 -32.52 -39.02
C GLY E 26 -13.12 -32.66 -37.52
N TYR E 27 -14.21 -33.22 -36.97
CA TYR E 27 -14.30 -33.41 -35.53
C TYR E 27 -15.45 -34.36 -35.24
N THR E 28 -15.43 -34.92 -34.02
CA THR E 28 -16.46 -35.82 -33.53
C THR E 28 -17.83 -35.16 -33.45
N PHE E 29 -18.66 -35.37 -34.48
CA PHE E 29 -19.87 -34.59 -34.66
C PHE E 29 -20.84 -34.73 -33.48
N THR E 30 -20.88 -35.89 -32.84
CA THR E 30 -21.89 -36.14 -31.82
C THR E 30 -21.47 -35.71 -30.41
N ASN E 31 -20.25 -35.17 -30.24
CA ASN E 31 -19.76 -34.77 -28.93
C ASN E 31 -20.23 -33.38 -28.51
N TYR E 32 -20.46 -32.47 -29.45
CA TYR E 32 -20.71 -31.06 -29.17
C TYR E 32 -22.15 -30.68 -29.48
N TRP E 33 -22.51 -29.46 -29.08
CA TRP E 33 -23.81 -28.87 -29.39
C TRP E 33 -23.71 -28.02 -30.65
N MET E 34 -24.69 -28.16 -31.53
CA MET E 34 -24.84 -27.30 -32.69
C MET E 34 -25.84 -26.18 -32.37
N HIS E 35 -25.48 -24.95 -32.69
CA HIS E 35 -26.39 -23.82 -32.53
C HIS E 35 -26.72 -23.26 -33.91
N TRP E 36 -27.83 -22.53 -33.99
CA TRP E 36 -28.14 -21.75 -35.19
C TRP E 36 -28.42 -20.30 -34.83
N VAL E 37 -28.02 -19.40 -35.71
CA VAL E 37 -28.10 -17.97 -35.43
C VAL E 37 -28.59 -17.26 -36.68
N LYS E 38 -29.61 -16.43 -36.50
CA LYS E 38 -30.21 -15.64 -37.58
C LYS E 38 -29.66 -14.23 -37.54
N GLN E 39 -29.39 -13.66 -38.73
CA GLN E 39 -28.72 -12.39 -38.82
C GLN E 39 -29.35 -11.54 -39.91
N ARG E 40 -29.45 -10.24 -39.66
CA ARG E 40 -30.16 -9.33 -40.55
C ARG E 40 -29.69 -7.89 -40.41
N GLY E 44 -28.56 -7.09 -36.20
CA GLY E 44 -28.60 -7.82 -34.94
C GLY E 44 -28.74 -9.31 -35.14
N LEU E 45 -28.18 -10.09 -34.22
CA LEU E 45 -28.14 -11.53 -34.30
C LEU E 45 -29.03 -12.15 -33.23
N GLU E 46 -29.71 -13.24 -33.58
CA GLU E 46 -30.65 -13.90 -32.67
C GLU E 46 -30.34 -15.38 -32.60
N TRP E 47 -30.29 -15.89 -31.37
CA TRP E 47 -30.05 -17.30 -31.11
C TRP E 47 -31.36 -18.05 -31.30
N ILE E 48 -31.40 -18.97 -32.27
CA ILE E 48 -32.63 -19.71 -32.52
C ILE E 48 -32.74 -20.88 -31.56
N GLY E 49 -31.66 -21.62 -31.38
CA GLY E 49 -31.71 -22.82 -30.59
C GLY E 49 -30.55 -23.73 -30.92
N ASN E 50 -30.52 -24.87 -30.23
CA ASN E 50 -29.38 -25.75 -30.36
C ASN E 50 -29.84 -27.22 -30.27
N ILE E 51 -28.94 -28.13 -30.68
CA ILE E 51 -29.17 -29.57 -30.62
C ILE E 51 -27.90 -30.27 -30.14
N TYR E 52 -28.09 -31.42 -29.50
CA TYR E 52 -27.01 -32.35 -29.24
C TYR E 52 -27.18 -33.57 -30.14
N PRO E 53 -26.25 -33.85 -31.05
CA PRO E 53 -26.44 -34.98 -31.97
C PRO E 53 -26.34 -36.35 -31.30
N GLY E 54 -25.71 -36.47 -30.15
CA GLY E 54 -25.65 -37.75 -29.46
C GLY E 54 -26.85 -38.03 -28.57
N SER E 55 -28.04 -37.63 -29.03
CA SER E 55 -29.29 -37.81 -28.28
C SER E 55 -30.51 -37.36 -29.10
N GLY E 56 -30.45 -36.14 -29.61
CA GLY E 56 -31.62 -35.48 -30.19
C GLY E 56 -32.23 -34.37 -29.35
N THR E 57 -31.61 -34.02 -28.22
CA THR E 57 -32.15 -32.98 -27.34
C THR E 57 -32.12 -31.62 -28.02
N THR E 58 -33.14 -30.82 -27.79
CA THR E 58 -33.14 -29.49 -28.36
C THR E 58 -33.28 -28.44 -27.27
N ASN E 59 -33.05 -27.19 -27.67
CA ASN E 59 -33.41 -26.00 -26.92
C ASN E 59 -33.82 -25.00 -27.97
N TYR E 60 -35.01 -24.42 -27.83
CA TYR E 60 -35.48 -23.41 -28.77
C TYR E 60 -35.60 -22.11 -28.01
N ASN E 61 -35.13 -21.02 -28.61
CA ASN E 61 -35.69 -19.73 -28.23
C ASN E 61 -37.18 -19.80 -28.55
N GLU E 62 -38.02 -19.22 -27.67
CA GLU E 62 -39.45 -19.36 -27.90
C GLU E 62 -39.97 -18.40 -28.97
N LYS E 63 -39.25 -17.33 -29.26
CA LYS E 63 -39.56 -16.52 -30.45
C LYS E 63 -39.58 -17.36 -31.72
N PHE E 64 -38.83 -18.45 -31.75
CA PHE E 64 -38.69 -19.30 -32.94
C PHE E 64 -39.27 -20.70 -32.73
N LYS E 65 -40.01 -20.95 -31.67
CA LYS E 65 -40.48 -22.30 -31.40
C LYS E 65 -41.36 -22.83 -32.54
N ARG E 66 -42.19 -21.98 -33.13
CA ARG E 66 -43.08 -22.40 -34.20
C ARG E 66 -42.47 -22.24 -35.58
N LYS E 67 -41.41 -21.47 -35.72
CA LYS E 67 -40.77 -21.21 -37.00
C LYS E 67 -39.76 -22.27 -37.37
N ALA E 68 -38.94 -22.67 -36.42
CA ALA E 68 -37.80 -23.52 -36.68
C ALA E 68 -38.00 -24.89 -36.05
N THR E 69 -37.51 -25.91 -36.74
CA THR E 69 -37.43 -27.27 -36.23
C THR E 69 -36.01 -27.73 -36.49
N LEU E 70 -35.34 -28.20 -35.44
CA LEU E 70 -33.94 -28.57 -35.54
C LEU E 70 -33.80 -30.08 -35.50
N THR E 71 -33.10 -30.63 -36.48
CA THR E 71 -32.90 -32.07 -36.56
C THR E 71 -31.44 -32.36 -36.89
N VAL E 72 -31.00 -33.56 -36.56
CA VAL E 72 -29.68 -34.01 -36.99
C VAL E 72 -29.83 -35.36 -37.66
N ASP E 73 -28.90 -35.64 -38.59
CA ASP E 73 -28.77 -36.94 -39.23
C ASP E 73 -27.32 -37.40 -39.05
N THR E 74 -27.10 -38.23 -38.03
CA THR E 74 -25.77 -38.73 -37.71
C THR E 74 -25.21 -39.69 -38.77
N SER E 75 -26.01 -40.13 -39.74
CA SER E 75 -25.51 -40.99 -40.81
C SER E 75 -24.70 -40.25 -41.86
N SER E 76 -24.67 -38.92 -41.76
CA SER E 76 -23.90 -38.09 -42.70
C SER E 76 -23.24 -36.91 -42.01
N ASN E 77 -23.28 -36.85 -40.67
CA ASN E 77 -22.77 -35.71 -39.91
C ASN E 77 -23.37 -34.40 -40.39
N THR E 78 -24.69 -34.40 -40.60
CA THR E 78 -25.40 -33.22 -41.06
C THR E 78 -26.37 -32.72 -40.00
N ALA E 79 -26.49 -31.39 -39.89
CA ALA E 79 -27.48 -30.74 -39.03
C ALA E 79 -28.40 -29.87 -39.89
N TYR E 80 -29.71 -29.92 -39.62
CA TYR E 80 -30.68 -29.14 -40.40
C TYR E 80 -31.58 -28.27 -39.54
N MET E 81 -31.95 -27.12 -40.11
CA MET E 81 -33.01 -26.28 -39.58
C MET E 81 -34.09 -26.11 -40.64
N GLU E 82 -35.35 -26.39 -40.27
CA GLU E 82 -36.47 -26.30 -41.21
C GLU E 82 -37.43 -25.20 -40.76
N LEU E 83 -37.45 -24.11 -41.52
CA LEU E 83 -38.33 -22.98 -41.23
C LEU E 83 -39.68 -23.18 -41.92
N SER E 84 -40.75 -22.85 -41.19
CA SER E 84 -42.12 -23.13 -41.62
C SER E 84 -42.90 -21.82 -41.72
N SER E 85 -43.64 -21.67 -42.83
CA SER E 85 -44.52 -20.51 -43.10
C SER E 85 -43.71 -19.26 -43.43
N LEU E 86 -42.77 -19.39 -44.36
CA LEU E 86 -41.75 -18.36 -44.56
C LEU E 86 -42.28 -17.01 -45.03
N THR E 87 -42.46 -16.08 -44.10
CA THR E 87 -42.55 -14.67 -44.49
C THR E 87 -41.19 -14.21 -44.97
N SER E 88 -41.18 -13.41 -46.04
CA SER E 88 -39.92 -12.89 -46.57
C SER E 88 -39.26 -12.00 -45.54
N GLU E 89 -39.94 -11.81 -44.41
CA GLU E 89 -39.28 -11.43 -43.17
C GLU E 89 -37.99 -12.23 -43.00
N ASP E 90 -38.11 -13.55 -42.89
CA ASP E 90 -36.97 -14.41 -42.57
C ASP E 90 -35.96 -14.51 -43.71
N SER E 91 -35.86 -13.46 -44.53
CA SER E 91 -34.71 -13.28 -45.40
C SER E 91 -33.52 -12.94 -44.53
N ALA E 92 -32.60 -13.87 -44.35
CA ALA E 92 -31.55 -13.65 -43.37
C ALA E 92 -30.40 -14.57 -43.66
N VAL E 93 -29.32 -14.37 -42.92
CA VAL E 93 -28.21 -15.31 -42.86
C VAL E 93 -28.45 -16.23 -41.68
N TYR E 94 -28.31 -17.53 -41.88
CA TYR E 94 -28.51 -18.51 -40.82
C TYR E 94 -27.22 -19.31 -40.69
N PHE E 95 -26.40 -18.93 -39.72
CA PHE E 95 -25.18 -19.67 -39.40
C PHE E 95 -25.52 -20.90 -38.55
N CYS E 96 -24.70 -21.94 -38.70
CA CYS E 96 -24.61 -23.01 -37.72
C CYS E 96 -23.24 -22.89 -37.07
N THR E 97 -23.20 -22.99 -35.75
CA THR E 97 -21.95 -22.82 -35.02
C THR E 97 -21.92 -23.71 -33.80
N VAL E 98 -20.79 -24.35 -33.57
CA VAL E 98 -20.51 -24.97 -32.29
C VAL E 98 -19.82 -23.91 -31.45
N VAL E 99 -20.38 -23.62 -30.26
CA VAL E 99 -19.88 -22.51 -29.47
C VAL E 99 -18.78 -22.90 -28.49
N ARG E 100 -18.68 -24.19 -28.13
CA ARG E 100 -17.60 -24.64 -27.24
C ARG E 100 -16.25 -24.37 -27.88
N MET E 101 -16.10 -24.78 -29.12
CA MET E 101 -15.02 -24.28 -29.96
C MET E 101 -15.50 -23.00 -30.62
N ASP E 102 -14.91 -22.61 -31.73
CA ASP E 102 -15.43 -21.51 -32.50
C ASP E 102 -15.60 -21.97 -33.94
N TYR E 103 -16.36 -23.06 -34.11
CA TYR E 103 -16.63 -23.63 -35.42
C TYR E 103 -17.84 -22.93 -36.01
N TRP E 104 -17.62 -22.11 -37.04
CA TRP E 104 -18.70 -21.41 -37.71
C TRP E 104 -18.80 -21.84 -39.16
N GLY E 105 -20.01 -22.15 -39.59
CA GLY E 105 -20.30 -22.25 -41.00
C GLY E 105 -20.31 -20.87 -41.64
N GLN E 106 -20.71 -20.84 -42.90
CA GLN E 106 -20.69 -19.59 -43.64
C GLN E 106 -22.04 -18.89 -43.70
N GLY E 107 -23.10 -19.53 -43.18
CA GLY E 107 -24.41 -18.92 -43.15
C GLY E 107 -25.15 -18.95 -44.47
N THR E 108 -26.26 -19.67 -44.52
CA THR E 108 -27.08 -19.73 -45.72
C THR E 108 -27.97 -18.50 -45.77
N SER E 109 -27.70 -17.62 -46.74
CA SER E 109 -28.55 -16.46 -46.96
C SER E 109 -29.83 -16.89 -47.67
N VAL E 110 -30.95 -16.27 -47.30
CA VAL E 110 -32.27 -16.75 -47.70
C VAL E 110 -33.09 -15.57 -48.23
N THR E 111 -33.89 -15.83 -49.25
CA THR E 111 -34.82 -14.82 -49.78
C THR E 111 -36.21 -15.38 -50.06
N ASP F 1 -36.35 -12.32 -21.95
CA ASP F 1 -35.03 -12.26 -22.58
C ASP F 1 -34.13 -11.20 -21.94
N VAL F 2 -32.87 -11.61 -21.69
CA VAL F 2 -31.84 -10.67 -21.25
C VAL F 2 -31.42 -9.80 -22.42
N VAL F 3 -31.53 -8.48 -22.26
CA VAL F 3 -31.22 -7.55 -23.34
C VAL F 3 -29.74 -7.18 -23.24
N MET F 4 -29.04 -7.26 -24.37
CA MET F 4 -27.63 -6.93 -24.44
C MET F 4 -27.52 -5.60 -25.19
N THR F 5 -27.00 -4.58 -24.51
CA THR F 5 -26.91 -3.23 -25.05
C THR F 5 -25.45 -2.83 -25.20
N GLN F 6 -25.07 -2.34 -26.37
CA GLN F 6 -23.76 -1.74 -26.59
C GLN F 6 -23.93 -0.24 -26.82
N LEU F 9 -23.49 2.77 -31.69
CA LEU F 9 -23.38 1.94 -32.88
C LEU F 9 -21.99 2.13 -33.46
N SER F 10 -21.69 3.35 -33.90
CA SER F 10 -20.47 3.66 -34.66
C SER F 10 -19.54 4.44 -33.75
N LEU F 11 -18.30 3.98 -33.64
CA LEU F 11 -17.31 4.59 -32.75
C LEU F 11 -16.04 4.90 -33.51
N PRO F 12 -15.74 6.20 -33.78
CA PRO F 12 -14.47 6.58 -34.43
C PRO F 12 -13.23 6.00 -33.77
N VAL F 13 -12.12 5.96 -34.52
CA VAL F 13 -10.81 5.58 -33.97
C VAL F 13 -9.68 6.27 -34.75
N GLN F 18 -5.85 3.29 -29.10
CA GLN F 18 -6.56 2.78 -27.93
C GLN F 18 -8.07 2.95 -28.05
N ALA F 19 -8.80 1.87 -27.82
CA ALA F 19 -10.24 1.83 -28.01
C ALA F 19 -10.88 0.82 -27.05
N SER F 20 -12.06 1.16 -26.52
CA SER F 20 -12.78 0.24 -25.64
C SER F 20 -14.26 0.16 -26.00
N ILE F 21 -14.81 -1.05 -25.92
CA ILE F 21 -16.18 -1.34 -26.33
C ILE F 21 -17.01 -1.58 -25.08
N SER F 22 -18.14 -0.90 -24.97
CA SER F 22 -18.97 -1.20 -23.83
C SER F 22 -20.01 -2.26 -24.20
N CYS F 23 -20.54 -2.91 -23.18
CA CYS F 23 -21.62 -3.86 -23.33
C CYS F 23 -22.36 -3.92 -22.01
N ARG F 24 -23.68 -3.85 -22.07
CA ARG F 24 -24.48 -3.82 -20.87
C ARG F 24 -25.44 -5.00 -20.82
N SER F 25 -25.94 -5.29 -19.63
CA SER F 25 -26.71 -6.49 -19.39
C SER F 25 -28.02 -6.10 -18.72
N SER F 26 -29.10 -6.80 -19.09
CA SER F 26 -30.38 -6.61 -18.41
C SER F 26 -30.31 -7.07 -16.97
N GLN F 27 -29.53 -8.12 -16.71
CA GLN F 27 -29.45 -8.82 -15.44
C GLN F 27 -28.05 -9.39 -15.32
N SER F 28 -27.70 -9.86 -14.13
CA SER F 28 -26.40 -10.49 -13.97
C SER F 28 -26.31 -11.74 -14.83
N LEU F 29 -25.09 -12.09 -15.18
CA LEU F 29 -24.84 -13.20 -16.09
C LEU F 29 -24.20 -14.37 -15.36
N ILE F 30 -24.50 -14.50 -14.07
CA ILE F 30 -23.89 -15.53 -13.22
C ILE F 30 -24.62 -16.86 -13.41
N TYR F 31 -23.96 -17.81 -14.07
CA TYR F 31 -24.57 -19.11 -14.34
C TYR F 31 -24.47 -20.01 -13.13
N SER F 32 -25.37 -21.01 -13.09
CA SER F 32 -25.44 -22.07 -12.11
C SER F 32 -24.12 -22.52 -11.48
N ASN F 33 -23.01 -22.47 -12.22
CA ASN F 33 -21.74 -22.95 -11.71
C ASN F 33 -20.84 -21.85 -11.13
N GLY F 34 -21.16 -20.58 -11.34
CA GLY F 34 -20.36 -19.47 -10.85
C GLY F 34 -19.74 -18.62 -11.92
N ASN F 35 -19.54 -19.15 -13.13
CA ASN F 35 -18.91 -18.38 -14.18
C ASN F 35 -19.92 -17.46 -14.86
N THR F 36 -19.40 -16.44 -15.53
CA THR F 36 -20.21 -15.42 -16.19
C THR F 36 -19.97 -15.54 -17.70
N TYR F 37 -20.97 -16.04 -18.43
CA TYR F 37 -20.75 -16.37 -19.84
C TYR F 37 -21.07 -15.17 -20.72
N LEU F 38 -20.33 -14.11 -20.48
CA LEU F 38 -20.32 -12.95 -21.36
C LEU F 38 -19.15 -13.14 -22.33
N HIS F 39 -19.44 -13.34 -23.60
CA HIS F 39 -18.40 -13.53 -24.59
C HIS F 39 -18.41 -12.36 -25.56
N TRP F 40 -17.27 -12.12 -26.18
CA TRP F 40 -17.14 -11.10 -27.20
C TRP F 40 -16.76 -11.73 -28.53
N TYR F 41 -17.31 -11.19 -29.62
CA TYR F 41 -17.03 -11.70 -30.96
C TYR F 41 -16.66 -10.53 -31.87
N LEU F 42 -15.94 -10.85 -32.95
CA LEU F 42 -15.57 -9.90 -33.98
C LEU F 42 -16.02 -10.43 -35.32
N GLN F 43 -16.79 -9.62 -36.04
CA GLN F 43 -17.29 -9.98 -37.35
C GLN F 43 -16.78 -8.99 -38.39
N LYS F 44 -16.46 -9.49 -39.57
CA LYS F 44 -16.07 -8.62 -40.66
C LYS F 44 -17.02 -8.81 -41.83
N PRO F 45 -17.27 -7.76 -42.64
CA PRO F 45 -18.28 -7.81 -43.69
C PRO F 45 -18.11 -9.00 -44.66
N GLN F 47 -17.73 -12.77 -44.20
CA GLN F 47 -17.10 -13.40 -43.04
C GLN F 47 -18.10 -13.62 -41.90
N SER F 48 -17.81 -14.61 -41.06
CA SER F 48 -18.63 -15.00 -39.93
C SER F 48 -18.02 -14.56 -38.62
N PRO F 49 -18.77 -14.60 -37.51
CA PRO F 49 -18.23 -14.23 -36.20
C PRO F 49 -17.02 -15.06 -35.77
N LYS F 50 -16.20 -14.43 -34.92
CA LYS F 50 -14.90 -14.93 -34.48
C LYS F 50 -14.73 -14.55 -33.02
N LEU F 51 -14.41 -15.53 -32.17
CA LEU F 51 -14.46 -15.34 -30.72
C LEU F 51 -13.16 -14.74 -30.18
N LEU F 52 -13.26 -13.64 -29.45
CA LEU F 52 -12.10 -12.93 -28.92
C LEU F 52 -11.92 -13.20 -27.43
N ILE F 53 -12.79 -12.67 -26.58
CA ILE F 53 -12.80 -12.99 -25.16
C ILE F 53 -13.95 -13.94 -24.89
N TYR F 54 -13.83 -14.73 -23.82
CA TYR F 54 -14.93 -15.58 -23.35
C TYR F 54 -14.93 -15.59 -21.83
N LYS F 55 -16.11 -15.82 -21.25
CA LYS F 55 -16.32 -15.79 -19.81
C LYS F 55 -15.69 -14.54 -19.18
N VAL F 56 -15.97 -13.39 -19.80
CA VAL F 56 -15.64 -12.03 -19.36
C VAL F 56 -14.17 -11.66 -19.60
N SER F 57 -13.22 -12.52 -19.19
CA SER F 57 -11.82 -12.09 -19.17
C SER F 57 -10.83 -13.12 -19.71
N ASN F 58 -11.27 -14.18 -20.38
CA ASN F 58 -10.38 -15.22 -20.87
C ASN F 58 -10.14 -15.03 -22.36
N ARG F 59 -8.86 -14.93 -22.74
CA ARG F 59 -8.49 -14.81 -24.14
C ARG F 59 -8.63 -16.18 -24.79
N PHE F 60 -9.33 -16.23 -25.91
CA PHE F 60 -9.47 -17.47 -26.66
C PHE F 60 -8.16 -17.77 -27.40
N SER F 61 -7.97 -19.05 -27.72
CA SER F 61 -6.79 -19.47 -28.47
C SER F 61 -6.63 -18.67 -29.74
N GLY F 62 -5.47 -18.01 -29.89
CA GLY F 62 -5.11 -17.35 -31.13
C GLY F 62 -5.38 -15.86 -31.19
N VAL F 63 -6.17 -15.32 -30.26
CA VAL F 63 -6.46 -13.88 -30.28
C VAL F 63 -5.18 -13.10 -29.95
N PRO F 64 -4.90 -11.99 -30.64
CA PRO F 64 -3.72 -11.19 -30.30
C PRO F 64 -3.85 -10.54 -28.93
N ASP F 65 -2.71 -10.37 -28.26
CA ASP F 65 -2.65 -9.79 -26.90
C ASP F 65 -3.05 -8.31 -26.88
N ARG F 66 -3.52 -7.75 -27.98
CA ARG F 66 -4.04 -6.40 -27.97
C ARG F 66 -5.45 -6.33 -27.36
N PHE F 67 -6.19 -7.45 -27.39
CA PHE F 67 -7.54 -7.53 -26.83
C PHE F 67 -7.51 -7.94 -25.37
N SER F 68 -8.53 -7.53 -24.62
CA SER F 68 -8.69 -7.94 -23.23
C SER F 68 -10.08 -7.54 -22.78
N GLY F 69 -10.59 -8.26 -21.79
CA GLY F 69 -11.93 -8.02 -21.27
C GLY F 69 -12.01 -8.07 -19.78
N SER F 70 -12.79 -7.15 -19.21
CA SER F 70 -13.12 -7.12 -17.80
C SER F 70 -14.62 -6.87 -17.65
N GLY F 71 -15.11 -6.91 -16.41
CA GLY F 71 -16.50 -6.61 -16.14
C GLY F 71 -17.00 -7.32 -14.91
N SER F 72 -18.24 -6.98 -14.53
CA SER F 72 -18.96 -7.69 -13.48
C SER F 72 -20.39 -7.19 -13.49
N GLY F 73 -21.31 -8.04 -13.00
CA GLY F 73 -22.71 -7.66 -12.90
C GLY F 73 -23.39 -7.40 -14.23
N THR F 74 -23.60 -6.11 -14.59
CA THR F 74 -24.19 -5.74 -15.88
C THR F 74 -23.28 -4.88 -16.75
N ASP F 75 -22.05 -4.59 -16.32
CA ASP F 75 -21.15 -3.71 -17.08
C ASP F 75 -19.91 -4.49 -17.51
N PHE F 76 -19.65 -4.51 -18.82
CA PHE F 76 -18.55 -5.29 -19.35
C PHE F 76 -17.82 -4.46 -20.41
N THR F 77 -16.49 -4.50 -20.36
CA THR F 77 -15.67 -3.70 -21.26
C THR F 77 -14.77 -4.62 -22.08
N LEU F 78 -14.69 -4.33 -23.37
CA LEU F 78 -13.68 -4.89 -24.26
C LEU F 78 -12.75 -3.75 -24.63
N LYS F 79 -11.46 -3.94 -24.37
CA LYS F 79 -10.53 -2.84 -24.29
C LYS F 79 -9.30 -3.22 -25.09
N ILE F 80 -8.96 -2.43 -26.11
CA ILE F 80 -7.97 -2.81 -27.11
C ILE F 80 -6.92 -1.72 -27.22
N SER F 81 -5.65 -2.12 -27.17
CA SER F 81 -4.52 -1.23 -27.34
C SER F 81 -3.81 -1.54 -28.66
N ARG F 82 -3.21 -0.52 -29.26
CA ARG F 82 -2.50 -0.64 -30.54
C ARG F 82 -3.43 -1.24 -31.60
N VAL F 83 -4.39 -0.43 -32.02
CA VAL F 83 -5.38 -0.81 -33.02
C VAL F 83 -4.70 -1.13 -34.35
N GLU F 84 -4.64 -2.41 -34.68
CA GLU F 84 -4.01 -2.87 -35.91
C GLU F 84 -4.97 -2.66 -37.08
N ALA F 85 -4.53 -3.09 -38.27
CA ALA F 85 -5.36 -2.94 -39.46
C ALA F 85 -6.43 -4.01 -39.53
N GLU F 86 -6.08 -5.24 -39.14
CA GLU F 86 -6.97 -6.40 -39.24
C GLU F 86 -8.06 -6.41 -38.16
N ASP F 87 -8.48 -5.23 -37.71
CA ASP F 87 -9.38 -5.13 -36.57
C ASP F 87 -10.71 -4.44 -36.86
N LEU F 88 -10.78 -3.53 -37.82
CA LEU F 88 -12.00 -2.77 -38.09
C LEU F 88 -13.14 -3.70 -38.51
N GLY F 89 -14.24 -3.63 -37.79
CA GLY F 89 -15.37 -4.51 -38.04
C GLY F 89 -16.48 -4.21 -37.09
N VAL F 90 -17.33 -5.20 -36.86
CA VAL F 90 -18.39 -5.10 -35.87
C VAL F 90 -18.04 -5.97 -34.69
N TYR F 91 -18.29 -5.46 -33.49
CA TYR F 91 -18.02 -6.18 -32.25
C TYR F 91 -19.35 -6.42 -31.54
N PHE F 92 -19.66 -7.68 -31.29
CA PHE F 92 -20.84 -8.09 -30.54
C PHE F 92 -20.40 -8.70 -29.21
N CYS F 93 -21.16 -8.44 -28.15
CA CYS F 93 -21.06 -9.26 -26.95
C CYS F 93 -22.17 -10.30 -26.96
N SER F 94 -21.85 -11.48 -26.46
CA SER F 94 -22.83 -12.55 -26.37
C SER F 94 -23.04 -12.91 -24.91
N GLN F 95 -24.28 -13.22 -24.58
CA GLN F 95 -24.71 -13.61 -23.24
C GLN F 95 -25.20 -15.04 -23.35
N ASN F 96 -24.50 -15.98 -22.69
CA ASN F 96 -24.92 -17.39 -22.73
C ASN F 96 -25.21 -17.96 -21.34
N THR F 97 -25.60 -17.13 -20.39
CA THR F 97 -25.96 -17.63 -19.07
C THR F 97 -27.43 -18.04 -19.00
N HIS F 98 -28.30 -17.39 -19.76
CA HIS F 98 -29.74 -17.62 -19.69
C HIS F 98 -30.28 -18.07 -21.03
N ILE F 99 -31.18 -19.05 -20.99
CA ILE F 99 -31.96 -19.43 -22.16
C ILE F 99 -33.12 -18.45 -22.35
N PRO F 100 -33.20 -17.79 -23.53
CA PRO F 100 -32.33 -17.97 -24.71
C PRO F 100 -31.08 -17.11 -24.71
N TYR F 101 -30.05 -17.52 -25.46
CA TYR F 101 -28.89 -16.64 -25.60
C TYR F 101 -29.31 -15.37 -26.30
N THR F 102 -28.58 -14.29 -26.00
CA THR F 102 -28.88 -12.98 -26.57
C THR F 102 -27.58 -12.24 -26.89
N PHE F 103 -27.57 -11.55 -28.03
CA PHE F 103 -26.40 -10.83 -28.51
C PHE F 103 -26.67 -9.32 -28.51
N GLY F 104 -25.62 -8.55 -28.19
CA GLY F 104 -25.68 -7.12 -28.39
C GLY F 104 -25.98 -6.76 -29.83
N GLY F 105 -26.42 -5.52 -30.03
CA GLY F 105 -26.59 -5.02 -31.37
C GLY F 105 -25.30 -4.65 -32.07
N GLY F 106 -24.17 -4.78 -31.39
CA GLY F 106 -22.90 -4.50 -32.01
C GLY F 106 -22.54 -3.03 -32.02
N THR F 107 -21.23 -2.76 -32.02
CA THR F 107 -20.69 -1.43 -32.21
C THR F 107 -19.71 -1.46 -33.38
N LYS F 108 -20.00 -0.66 -34.41
CA LYS F 108 -19.18 -0.63 -35.61
C LYS F 108 -17.90 0.16 -35.32
N LEU F 109 -16.76 -0.47 -35.53
CA LEU F 109 -15.50 0.17 -35.25
C LEU F 109 -15.23 1.27 -36.26
I IOD G . 0.90 17.00 4.99
I IOD H . 8.19 -15.13 7.70
C1 EDO I . 26.46 11.70 -15.08
O1 EDO I . 26.46 13.10 -14.71
C2 EDO I . 27.03 11.56 -16.50
O2 EDO I . 27.83 10.36 -16.62
C1 EDO J . 14.09 9.53 -1.39
O1 EDO J . 14.78 10.41 -2.32
C2 EDO J . 15.00 9.27 -0.17
O2 EDO J . 14.27 8.63 0.91
O10 OOW K . 14.94 -18.74 -4.67
C26 OOW K . 18.23 -19.11 -5.64
C28 OOW K . 19.72 -19.83 -7.45
C27 OOW K . 18.87 -20.32 -6.30
C29 OOW K . 20.30 -21.05 -8.14
C31 OOW K . 19.14 -21.93 -8.61
C32 OOW K . 18.28 -22.34 -7.42
C37 OOW K . 18.59 -21.40 -10.93
C39 OOW K . 17.82 -20.64 -12.00
C40 OOW K . 22.03 -21.46 -9.68
C42 OOW K . 22.51 -22.61 -8.80
N34 OOW K . 18.33 -21.16 -9.52
O19 OOW K . 16.89 -17.39 -3.63
O20 OOW K . 17.42 -19.69 -4.68
O21 OOW K . 16.22 -19.31 -2.49
O30 OOW K . 17.85 -21.17 -6.76
O35 OOW K . 20.72 -18.96 -6.97
O36 OOW K . 21.02 -20.61 -9.24
O38 OOW K . 19.42 -22.20 -11.22
O41 OOW K . 22.50 -21.23 -10.74
P11 OOW K . 16.37 -18.76 -3.84
P OOW K . 18.45 -24.64 -6.07
O1 OOW K . 17.94 -25.44 -7.18
O2 OOW K . 19.66 -25.39 -5.22
O3 OOW K . 19.04 -23.20 -6.61
O4 OOW K . 17.21 -24.53 -5.29
I IOD L . 12.98 40.99 -20.90
I IOD M . 0.91 3.65 -9.10
N12 OA8 N . 13.56 -20.31 -7.64
C13 OA8 N . 14.54 -20.77 -8.61
C24 OA8 N . 8.74 -17.68 -4.27
C01 OA8 N . 11.89 -19.49 -5.23
C02 OA8 N . 12.60 -18.57 -6.22
C03 OA8 N . 12.85 -20.15 -4.27
C05 OA8 N . 13.88 -19.20 -6.77
C06 OA8 N . 14.67 -19.76 -5.59
C08 OA8 N . 12.07 -21.17 -3.45
C14 OA8 N . 14.26 -21.94 -9.55
C23 OA8 N . 9.74 -18.71 -4.85
O04 OA8 N . 13.90 -20.75 -4.96
O07 OA8 N . 11.07 -18.72 -4.42
O09 OA8 N . 11.51 -22.14 -4.30
O15 OA8 N . 15.58 -20.21 -8.69
O17 OA8 N . 12.44 -24.38 -3.28
O18 OA8 N . 10.18 -23.62 -2.46
O22 OA8 N . 11.72 -18.22 -7.26
O25 OA8 N . 9.42 -19.51 -5.67
O47 OA8 N . 10.78 -24.53 -4.82
P16 OA8 N . 11.23 -23.66 -3.72
O10 OAB O . 4.17 -25.12 -4.19
C26 OAB O . 6.65 -25.82 -2.63
C28 OAB O . 7.44 -24.45 -0.62
C27 OAB O . 7.76 -24.91 -2.05
C29 OAB O . 8.53 -23.49 -0.13
C31 OAB O . 8.78 -22.34 -1.13
C32 OAB O . 8.98 -22.91 -2.53
C37 OAB O . 7.91 -19.99 -1.50
C39 OAB O . 6.76 -18.98 -1.37
C40 OAB O . 9.06 -22.07 1.71
C42 OAB O . 8.53 -20.89 2.50
N34 OAB O . 7.70 -21.36 -1.04
O19 OAB O . 3.09 -24.51 -2.22
O20 OAB O . 5.43 -25.64 -1.95
O21 OAB O . 3.20 -26.72 -2.83
O30 OAB O . 7.93 -23.79 -2.86
O35 OAB O . 7.42 -25.56 0.23
O36 OAB O . 8.16 -22.98 1.12
O38 OAB O . 8.94 -19.66 -1.98
O41 OAB O . 10.23 -22.22 1.59
P11 OAB O . 4.00 -25.50 -2.79
I IOD P . -4.93 -4.67 10.41
I IOD Q . 24.15 -1.01 8.03
I IOD R . 17.40 19.30 8.09
I IOD S . 24.26 14.15 0.90
C1 EDO T . 20.50 -12.44 32.08
O1 EDO T . 21.37 -12.39 33.23
C2 EDO T . 19.39 -13.50 32.23
O2 EDO T . 18.68 -13.57 30.97
O10 OOW U . 26.04 16.98 19.59
C26 OOW U . 28.12 17.75 21.50
C28 OOW U . 29.74 17.68 23.41
C27 OOW U . 29.17 18.52 22.28
C29 OOW U . 30.69 18.56 24.23
C31 OOW U . 30.10 19.95 24.53
C32 OOW U . 29.58 20.56 23.23
C37 OOW U . 29.26 19.66 26.93
C39 OOW U . 28.07 19.47 27.85
C40 OOW U . 32.27 17.91 25.79
C42 OOW U . 33.27 18.97 25.28
N34 OOW U . 29.02 19.79 25.49
O19 OOW U . 25.01 18.92 20.82
O20 OOW U . 27.70 18.66 20.53
O21 OOW U . 26.23 19.05 18.53
O30 OOW U . 28.59 19.69 22.79
O35 OOW U . 30.47 16.61 22.85
O36 OOW U . 30.94 17.88 25.41
O38 OOW U . 30.37 19.70 27.39
O41 OOW U . 32.63 17.08 26.56
P11 OOW U . 26.23 18.42 19.85
P OOW U . 31.23 22.13 21.80
O1 OOW U . 31.33 22.32 20.16
O2 OOW U . 32.58 22.21 22.38
O3 OOW U . 30.58 20.66 22.23
O4 OOW U . 30.52 23.27 22.42
I IOD V . -7.45 -30.91 36.63
N12 OA8 W . 24.51 21.17 23.58
C13 OA8 W . 25.58 20.98 24.53
C24 OA8 W . 19.18 21.84 20.22
C01 OA8 W . 22.78 21.44 21.14
C02 OA8 W . 22.76 20.24 22.09
C03 OA8 W . 23.97 21.30 20.19
C05 OA8 W . 24.14 20.06 22.74
C06 OA8 W . 25.20 20.02 21.66
C08 OA8 W . 24.00 22.55 19.32
C14 OA8 W . 26.01 22.15 25.43
C23 OA8 W . 20.56 22.10 20.82
O04 OA8 W . 25.15 21.21 20.92
O07 OA8 W . 21.67 21.43 20.31
O09 OA8 W . 23.73 23.68 20.08
O15 OA8 W . 26.12 19.93 24.61
O17 OA8 W . 23.74 26.13 20.57
O18 OA8 W . 25.56 25.37 19.30
O22 OA8 W . 21.75 20.39 23.04
O25 OA8 W . 20.71 22.83 21.73
O47 OA8 W . 23.36 25.46 18.08
P16 OA8 W . 24.12 25.18 19.51
O10 OAB X . 17.96 30.04 18.23
C26 OAB X . 21.71 29.21 17.85
C28 OAB X . 21.55 27.52 15.97
C27 OAB X . 22.09 27.81 17.39
C29 OAB X . 21.94 26.09 15.60
C31 OAB X . 21.51 25.09 16.67
C32 OAB X . 21.97 25.53 18.05
C37 OAB X . 19.51 23.63 16.99
C39 OAB X . 17.99 23.42 16.99
C40 OAB X . 21.86 24.49 13.94
C42 OAB X . 20.87 23.41 13.46
N34 OAB X . 20.05 24.94 16.66
O19 OAB X . 19.64 31.57 18.79
O20 OAB X . 20.41 29.17 18.38
O21 OAB X . 19.39 30.79 16.59
O30 OAB X . 21.56 26.85 18.27
O35 OAB X . 22.13 28.41 15.07
O36 OAB X . 21.38 25.72 14.38
O38 OAB X . 20.26 22.75 17.25
O41 OAB X . 23.02 24.27 13.92
P11 OAB X . 19.36 30.38 18.00
O10 OOW Y . -22.12 -25.77 -26.48
C26 OOW Y . -24.68 -26.70 -24.26
C28 OOW Y . -26.81 -25.83 -23.14
C27 OOW Y . -25.45 -26.50 -22.95
C29 OOW Y . -27.49 -26.06 -21.81
C31 OOW Y . -26.73 -25.25 -20.76
C32 OOW Y . -25.27 -25.72 -20.76
C37 OOW Y . -27.87 -23.13 -20.26
C39 OOW Y . -28.03 -21.62 -20.47
C40 OOW Y . -29.69 -26.25 -20.88
C42 OOW Y . -29.26 -27.34 -19.89
N34 OOW Y . -26.84 -23.83 -21.00
O19 OOW Y . -21.79 -24.09 -24.59
O20 OOW Y . -24.01 -25.56 -24.67
O21 OOW Y . -21.68 -26.68 -24.45
O30 OOW Y . -24.72 -25.72 -22.05
O35 OOW Y . -27.58 -26.43 -24.15
O36 OOW Y . -28.84 -25.73 -21.88
O38 OOW Y . -28.57 -23.71 -19.49
O41 OOW Y . -30.80 -25.80 -20.82
P11 OOW Y . -22.39 -25.56 -25.05
P OOW Y . -24.01 -27.67 -19.52
O1 OOW Y . -24.42 -29.19 -19.01
O2 OOW Y . -23.56 -26.82 -18.41
O3 OOW Y . -25.32 -27.03 -20.27
O4 OOW Y . -22.83 -27.66 -20.41
N12 OA8 Z . -22.38 -21.71 -21.98
C13 OA8 Z . -23.62 -21.93 -21.26
C24 OA8 Z . -16.58 -20.36 -24.64
C01 OA8 Z . -19.76 -21.94 -23.44
C02 OA8 Z . -21.07 -21.47 -24.06
C03 OA8 Z . -19.77 -23.45 -23.26
C05 OA8 Z . -22.27 -22.13 -23.36
C06 OA8 Z . -22.05 -23.63 -23.31
C08 OA8 Z . -18.49 -23.85 -22.54
C14 OA8 Z . -23.69 -21.51 -19.80
C23 OA8 Z . -17.81 -20.71 -23.82
O04 OA8 Z . -20.91 -23.87 -22.53
O07 OA8 Z . -18.71 -21.65 -24.32
O09 OA8 Z . -18.82 -24.28 -21.26
O15 OA8 Z . -24.58 -22.43 -21.77
O17 OA8 Z . -18.17 -25.34 -19.06
O18 OA8 Z . -17.64 -23.18 -19.29
O22 OA8 Z . -21.15 -20.07 -24.00
O25 OA8 Z . -18.03 -20.19 -22.79
O47 OA8 Z . -16.21 -24.76 -20.73
P16 OA8 Z . -17.68 -24.40 -20.08
O10 OAB AA . -10.26 -22.10 -17.61
C26 OAB AA . -12.23 -22.49 -19.99
C28 OAB AA . -12.58 -24.78 -20.88
C27 OAB AA . -13.15 -23.71 -19.93
C29 OAB AA . -13.52 -25.24 -21.99
C31 OAB AA . -14.54 -24.17 -22.38
C32 OAB AA . -15.34 -23.73 -21.15
C37 OAB AA . -14.48 -22.33 -24.14
C39 OAB AA . -13.73 -21.18 -24.81
C40 OAB AA . -13.25 -26.49 -24.00
C42 OAB AA . -12.60 -26.62 -25.37
N34 OAB AA . -13.86 -23.05 -23.03
O19 OAB AA . -11.85 -20.84 -16.53
O20 OAB AA . -12.48 -21.66 -18.89
O21 OAB AA . -12.17 -23.12 -16.73
O30 OAB AA . -14.49 -23.31 -20.11
O35 OAB AA . -12.21 -25.90 -20.11
O36 OAB AA . -12.71 -25.55 -23.09
O38 OAB AA . -15.56 -22.63 -24.55
O41 OAB AA . -14.18 -27.16 -23.70
P11 OAB AA . -11.70 -21.94 -17.47
#